data_5RM1
#
_entry.id   5RM1
#
_cell.length_a   59.317
_cell.length_b   70.174
_cell.length_c   85.160
_cell.angle_alpha   102.400
_cell.angle_beta   96.070
_cell.angle_gamma   112.750
#
_symmetry.space_group_name_H-M   'P 1'
#
loop_
_entity.id
_entity.type
_entity.pdbx_description
1 polymer Helicase
2 non-polymer 'ZINC ION'
3 non-polymer 'PHOSPHATE ION'
4 non-polymer N-[4-(aminomethyl)phenyl]methanesulfonamide
5 water water
#
_entity_poly.entity_id   1
_entity_poly.type   'polypeptide(L)'
_entity_poly.pdbx_seq_one_letter_code
;AVGACVLCNSQTSLRCGACIRRPFLCCKCCYDHVISTSHKLVLSVNPYVCNAPGCDVTDVTQLYLGGMSYYCKSHKPPIS
FPLCANGQVFGLYKNTCVGSDNVTDFNAIATCDWTNAGDYILANTCTERLKLFAAETLKATEETFKLSYGIATVREVLSD
RELHLSWEVGKPRPPLNRNYVFTGYRVTKNSKVQIGEYTFEKGDYGDAVVYRGTTTYKLNVGDYFVLTSHTVMPLSAPTL
VPQEHYVRITGLYPTLNISDEFSSNVANYQKVGMQKYSTLQGPPGTGKSHFAIGLALYYPSARIVYTACSHAAVDALCEK
ALKYLPIDKCSRIIPARARVECFDKFKVNSTLEQYVFCTVNALPETTADIVVFDEISMATNYDLSVVNARLRAKHYVYIG
DPAQLPAPRTLLTKGTLEPEYFNSVCRLMKTIGPDMFLGTCRRCPAEIVDTVSALVYDNKLKAHKDKSAQCFKMFYKGVI
THDVSSAINRPQIGVVREFLTRNPAWRKAVFISPYNSQNAVASKILGLPTQTVDSSQGSEYDYVIFTQTTETAHSCNVNR
FNVAITRAKVGILCIMSDRDLYDKLQFTSLEIPRRNVATLQ
;
_entity_poly.pdbx_strand_id   A,B
#
# COMPACT_ATOMS: atom_id res chain seq x y z
N ALA A 1 17.58 18.55 7.59
CA ALA A 1 18.38 18.86 8.78
C ALA A 1 17.75 19.94 9.71
N VAL A 2 16.57 20.50 9.33
CA VAL A 2 15.81 21.48 10.11
C VAL A 2 14.37 20.96 10.38
N GLY A 3 13.95 21.04 11.64
CA GLY A 3 12.65 20.57 12.08
C GLY A 3 12.22 21.11 13.41
N ALA A 4 11.22 20.47 14.01
CA ALA A 4 10.66 20.89 15.29
C ALA A 4 11.12 19.97 16.43
N CYS A 5 11.48 20.58 17.56
CA CYS A 5 11.94 19.85 18.72
C CYS A 5 10.92 18.83 19.22
N VAL A 6 11.36 17.61 19.53
CA VAL A 6 10.46 16.61 20.06
C VAL A 6 9.92 17.02 21.41
N LEU A 7 10.66 17.79 22.21
CA LEU A 7 10.19 18.14 23.55
C LEU A 7 9.32 19.38 23.60
N CYS A 8 9.84 20.51 23.13
CA CYS A 8 9.13 21.77 23.22
C CYS A 8 8.65 22.31 21.89
N ASN A 9 8.75 21.54 20.80
CA ASN A 9 8.31 21.94 19.46
C ASN A 9 9.09 23.12 18.82
N SER A 10 10.04 23.76 19.57
CA SER A 10 10.82 24.91 19.05
C SER A 10 11.63 24.53 17.81
N GLN A 11 11.75 25.48 16.84
CA GLN A 11 12.49 25.26 15.61
C GLN A 11 13.97 25.01 15.88
N THR A 12 14.55 24.03 15.18
CA THR A 12 15.94 23.70 15.39
C THR A 12 16.64 23.21 14.15
N SER A 13 17.96 23.41 14.13
CA SER A 13 18.88 22.83 13.18
C SER A 13 19.59 21.59 13.85
N LEU A 14 19.22 21.19 15.11
CA LEU A 14 19.89 20.10 15.84
C LEU A 14 19.09 18.80 15.95
N ARG A 15 19.77 17.69 15.75
CA ARG A 15 19.30 16.32 15.93
C ARG A 15 20.36 15.56 16.75
N CYS A 16 19.92 14.61 17.62
CA CYS A 16 20.85 13.79 18.40
C CYS A 16 21.36 12.67 17.54
N GLY A 17 22.66 12.67 17.32
CA GLY A 17 23.32 11.62 16.57
C GLY A 17 23.39 10.32 17.36
N ALA A 18 23.30 10.41 18.72
CA ALA A 18 23.35 9.21 19.55
C ALA A 18 21.97 8.50 19.70
N CYS A 19 20.81 9.21 19.64
CA CYS A 19 19.47 8.54 19.68
C CYS A 19 19.28 7.70 18.40
N ILE A 20 18.78 6.44 18.53
CA ILE A 20 18.56 5.54 17.39
C ILE A 20 17.55 6.12 16.37
N ARG A 21 16.63 7.01 16.83
CA ARG A 21 15.68 7.64 15.92
C ARG A 21 16.13 9.04 15.46
N ARG A 22 17.33 9.54 15.86
CA ARG A 22 17.91 10.87 15.54
C ARG A 22 16.87 12.01 15.62
N PRO A 23 16.30 12.25 16.84
CA PRO A 23 15.25 13.26 16.97
C PRO A 23 15.74 14.69 16.99
N PHE A 24 14.85 15.59 16.55
CA PHE A 24 15.11 17.01 16.58
C PHE A 24 15.03 17.47 18.03
N LEU A 25 16.05 18.24 18.46
CA LEU A 25 16.16 18.79 19.80
C LEU A 25 16.52 20.26 19.66
N CYS A 26 15.75 21.18 20.29
CA CYS A 26 16.08 22.61 20.26
C CYS A 26 17.37 22.91 21.08
N CYS A 27 17.96 24.10 20.97
CA CYS A 27 19.17 24.46 21.71
C CYS A 27 19.09 24.14 23.22
N LYS A 28 18.00 24.55 23.90
CA LYS A 28 17.82 24.30 25.34
C LYS A 28 17.64 22.80 25.67
N CYS A 29 16.85 22.08 24.85
CA CYS A 29 16.61 20.66 25.05
C CYS A 29 17.78 19.78 24.64
N CYS A 30 18.48 20.17 23.58
CA CYS A 30 19.67 19.47 23.12
C CYS A 30 20.75 19.50 24.17
N TYR A 31 20.88 20.63 24.84
CA TYR A 31 21.85 20.78 25.89
C TYR A 31 21.51 19.90 27.06
N ASP A 32 20.26 19.97 27.57
CA ASP A 32 19.84 19.17 28.72
C ASP A 32 19.92 17.66 28.45
N HIS A 33 19.88 17.27 27.18
CA HIS A 33 20.05 15.91 26.75
C HIS A 33 21.53 15.48 26.79
N VAL A 34 22.42 16.24 26.14
CA VAL A 34 23.82 15.87 26.08
C VAL A 34 24.51 15.97 27.42
N ILE A 35 24.12 16.97 28.23
CA ILE A 35 24.71 17.26 29.54
C ILE A 35 24.29 16.28 30.64
N SER A 36 23.22 15.48 30.41
CA SER A 36 22.74 14.52 31.38
C SER A 36 22.85 13.05 30.91
N THR A 37 23.24 12.78 29.65
CA THR A 37 23.34 11.41 29.14
C THR A 37 24.73 11.09 28.53
N SER A 38 24.96 9.83 28.11
CA SER A 38 26.16 9.43 27.37
C SER A 38 26.06 9.91 25.88
N HIS A 39 24.93 10.52 25.46
CA HIS A 39 24.69 10.98 24.10
C HIS A 39 25.41 12.31 23.90
N LYS A 40 26.54 12.30 23.16
CA LYS A 40 27.30 13.55 22.95
C LYS A 40 27.44 13.96 21.51
N LEU A 41 26.99 13.12 20.55
CA LEU A 41 27.09 13.50 19.15
C LEU A 41 25.85 14.32 18.76
N VAL A 42 26.08 15.56 18.30
CA VAL A 42 25.00 16.42 17.82
C VAL A 42 25.18 16.57 16.30
N LEU A 43 24.07 16.44 15.56
CA LEU A 43 24.04 16.56 14.12
C LEU A 43 23.25 17.79 13.71
N SER A 44 23.84 18.66 12.87
CA SER A 44 23.18 19.84 12.30
C SER A 44 23.19 19.60 10.76
N VAL A 45 23.47 20.61 9.92
CA VAL A 45 23.65 20.42 8.47
C VAL A 45 24.80 19.41 8.23
N ASN A 46 25.83 19.53 9.02
CA ASN A 46 27.02 18.70 9.15
C ASN A 46 27.12 18.29 10.63
N PRO A 47 27.81 17.19 10.93
CA PRO A 47 27.96 16.78 12.34
C PRO A 47 28.82 17.77 13.11
N TYR A 48 28.52 17.95 14.40
CA TYR A 48 29.33 18.79 15.26
C TYR A 48 30.45 17.91 15.68
N VAL A 49 31.53 17.96 14.91
CA VAL A 49 32.74 17.20 15.10
C VAL A 49 33.93 18.12 14.86
N CYS A 50 35.11 17.79 15.46
CA CYS A 50 36.29 18.60 15.22
C CYS A 50 36.72 18.47 13.77
N ASN A 51 36.72 19.61 13.11
CA ASN A 51 37.03 19.77 11.70
C ASN A 51 38.53 19.69 11.39
N ALA A 52 39.39 19.71 12.42
CA ALA A 52 40.83 19.64 12.24
C ALA A 52 41.24 18.28 11.69
N PRO A 53 42.18 18.25 10.73
CA PRO A 53 42.59 16.95 10.14
C PRO A 53 43.00 15.85 11.12
N GLY A 54 42.38 14.67 10.96
CA GLY A 54 42.67 13.48 11.77
C GLY A 54 42.16 13.49 13.20
N CYS A 55 41.44 14.54 13.60
CA CYS A 55 40.92 14.63 14.95
C CYS A 55 39.70 13.75 15.15
N ASP A 56 39.58 13.16 16.35
CA ASP A 56 38.44 12.29 16.67
C ASP A 56 37.46 12.87 17.72
N VAL A 57 37.58 14.17 18.07
CA VAL A 57 36.65 14.76 19.04
C VAL A 57 35.31 15.00 18.40
N THR A 58 34.30 14.28 18.91
CA THR A 58 32.89 14.31 18.47
C THR A 58 31.93 14.74 19.58
N ASP A 59 32.42 14.81 20.84
CA ASP A 59 31.66 15.18 22.02
C ASP A 59 31.37 16.69 21.95
N VAL A 60 30.07 17.05 21.81
CA VAL A 60 29.58 18.43 21.70
C VAL A 60 30.08 19.34 22.83
N THR A 61 30.22 18.80 24.05
CA THR A 61 30.69 19.57 25.22
C THR A 61 32.17 19.94 25.17
N GLN A 62 32.95 19.22 24.35
CA GLN A 62 34.37 19.45 24.12
C GLN A 62 34.60 20.22 22.80
N LEU A 63 33.55 20.78 22.16
CA LEU A 63 33.70 21.45 20.89
C LEU A 63 33.35 22.94 20.93
N TYR A 64 33.90 23.68 19.96
CA TYR A 64 33.84 25.14 19.86
C TYR A 64 33.57 25.58 18.41
N LEU A 65 32.94 26.75 18.24
CA LEU A 65 32.71 27.31 16.92
C LEU A 65 33.82 28.35 16.64
N GLY A 66 34.68 28.07 15.67
CA GLY A 66 35.76 28.94 15.24
C GLY A 66 35.49 29.42 13.83
N GLY A 67 34.74 30.51 13.73
CA GLY A 67 34.28 31.04 12.46
C GLY A 67 32.98 30.33 12.13
N MET A 68 32.93 29.65 10.99
CA MET A 68 31.74 28.85 10.64
C MET A 68 32.01 27.33 10.87
N SER A 69 33.17 26.97 11.51
CA SER A 69 33.57 25.59 11.69
C SER A 69 33.69 25.15 13.17
N TYR A 70 33.82 23.84 13.41
CA TYR A 70 33.88 23.32 14.78
C TYR A 70 35.21 22.68 15.06
N TYR A 71 35.76 22.94 16.27
CA TYR A 71 37.06 22.41 16.73
C TYR A 71 37.01 22.04 18.20
N CYS A 72 37.89 21.14 18.65
CA CYS A 72 37.95 20.78 20.08
C CYS A 72 38.78 21.84 20.88
N LYS A 73 39.05 21.59 22.19
CA LYS A 73 39.85 22.50 23.02
C LYS A 73 41.30 22.62 22.46
N SER A 74 41.87 21.50 21.92
CA SER A 74 43.22 21.39 21.34
C SER A 74 43.40 22.04 19.95
N HIS A 75 42.36 22.12 19.11
CA HIS A 75 42.49 22.67 17.77
C HIS A 75 41.74 23.96 17.55
N LYS A 76 41.21 24.59 18.60
CA LYS A 76 40.40 25.79 18.44
C LYS A 76 41.21 27.07 18.29
N PRO A 77 40.70 27.99 17.43
CA PRO A 77 41.37 29.29 17.29
C PRO A 77 41.12 30.20 18.51
N PRO A 78 41.95 31.25 18.78
CA PRO A 78 41.69 32.12 19.94
C PRO A 78 40.26 32.69 19.99
N ILE A 79 39.68 32.99 18.81
CA ILE A 79 38.33 33.49 18.73
C ILE A 79 37.35 32.33 18.43
N SER A 80 36.86 31.74 19.52
CA SER A 80 35.96 30.62 19.51
C SER A 80 35.07 30.59 20.77
N PHE A 81 33.83 30.22 20.53
CA PHE A 81 32.77 30.08 21.52
C PHE A 81 32.54 28.61 21.78
N PRO A 82 32.28 28.14 23.01
CA PRO A 82 31.91 26.72 23.17
C PRO A 82 30.54 26.44 22.56
N LEU A 83 30.37 25.22 22.00
CA LEU A 83 29.09 24.82 21.43
C LEU A 83 28.09 24.67 22.55
N CYS A 84 28.52 24.15 23.74
CA CYS A 84 27.69 23.99 24.92
C CYS A 84 27.97 25.12 25.85
N ALA A 85 27.01 26.03 26.01
CA ALA A 85 27.16 27.18 26.91
C ALA A 85 25.81 27.77 27.31
N ASN A 86 25.72 28.33 28.52
CA ASN A 86 24.50 28.97 29.04
C ASN A 86 23.18 28.19 28.72
N GLY A 87 23.20 26.94 29.15
CA GLY A 87 22.13 25.97 29.04
C GLY A 87 21.69 25.63 27.65
N GLN A 88 22.53 25.92 26.62
CA GLN A 88 22.18 25.68 25.23
C GLN A 88 23.28 25.09 24.40
N VAL A 89 22.90 24.32 23.37
CA VAL A 89 23.80 23.80 22.35
C VAL A 89 23.61 24.76 21.15
N PHE A 90 24.70 25.36 20.67
CA PHE A 90 24.67 26.32 19.58
C PHE A 90 24.05 25.73 18.35
N GLY A 91 23.08 26.43 17.80
CA GLY A 91 22.41 26.02 16.57
C GLY A 91 21.57 27.16 16.03
N LEU A 92 21.04 26.98 14.82
CA LEU A 92 20.16 28.00 14.26
C LEU A 92 18.88 28.08 15.12
N TYR A 93 18.17 29.21 15.03
CA TYR A 93 16.89 29.40 15.69
C TYR A 93 16.95 29.40 17.24
N LYS A 94 17.88 30.19 17.83
CA LYS A 94 18.03 30.34 19.29
C LYS A 94 17.51 31.72 19.79
N VAL A 103 12.56 17.10 30.37
CA VAL A 103 13.74 16.52 29.68
C VAL A 103 14.25 15.28 30.37
N THR A 104 14.07 15.18 31.70
CA THR A 104 14.42 13.98 32.46
C THR A 104 13.66 12.74 31.88
N ASP A 105 12.42 12.96 31.43
CA ASP A 105 11.63 11.91 30.80
C ASP A 105 12.20 11.53 29.41
N PHE A 106 12.51 12.53 28.56
CA PHE A 106 13.10 12.29 27.24
C PHE A 106 14.41 11.47 27.33
N ASN A 107 15.28 11.84 28.29
CA ASN A 107 16.57 11.16 28.48
C ASN A 107 16.41 9.67 28.77
N ALA A 108 15.45 9.33 29.66
CA ALA A 108 15.19 7.95 30.03
C ALA A 108 14.66 7.13 28.85
N ILE A 109 13.81 7.73 27.99
CA ILE A 109 13.28 7.05 26.81
C ILE A 109 14.38 6.84 25.76
N ALA A 110 15.21 7.89 25.56
CA ALA A 110 16.32 7.89 24.59
C ALA A 110 17.42 6.89 24.94
N THR A 111 17.61 6.57 26.22
CA THR A 111 18.72 5.70 26.65
C THR A 111 18.35 4.31 27.22
N CYS A 112 17.06 4.07 27.52
CA CYS A 112 16.65 2.79 28.06
C CYS A 112 16.75 1.66 27.01
N ASP A 113 16.91 0.43 27.47
CA ASP A 113 17.00 -0.71 26.56
C ASP A 113 15.63 -1.46 26.36
N TRP A 114 14.55 -0.97 27.00
CA TRP A 114 13.18 -1.48 26.91
C TRP A 114 12.98 -2.87 27.53
N THR A 115 13.88 -3.27 28.45
CA THR A 115 13.76 -4.58 29.09
C THR A 115 12.96 -4.49 30.42
N ASN A 116 12.77 -3.28 30.96
CA ASN A 116 12.08 -3.04 32.23
C ASN A 116 10.71 -2.48 32.00
N ALA A 117 9.76 -2.81 32.90
CA ALA A 117 8.38 -2.34 32.84
C ALA A 117 8.31 -0.82 33.02
N GLY A 118 9.21 -0.26 33.83
CA GLY A 118 9.33 1.18 34.07
C GLY A 118 9.55 1.98 32.80
N ASP A 119 10.14 1.35 31.78
CA ASP A 119 10.37 1.95 30.47
C ASP A 119 9.05 2.15 29.73
N TYR A 120 8.16 1.17 29.82
CA TYR A 120 6.83 1.20 29.21
C TYR A 120 5.88 2.09 30.00
N ILE A 121 6.08 2.19 31.33
CA ILE A 121 5.32 3.07 32.20
C ILE A 121 5.59 4.50 31.79
N LEU A 122 6.87 4.85 31.65
CA LEU A 122 7.26 6.19 31.24
C LEU A 122 6.75 6.51 29.84
N ALA A 123 6.87 5.55 28.90
CA ALA A 123 6.39 5.71 27.52
C ALA A 123 4.89 6.04 27.41
N ASN A 124 4.14 5.82 28.49
CA ASN A 124 2.71 6.05 28.53
C ASN A 124 2.30 7.16 29.47
N THR A 125 3.17 7.57 30.40
CA THR A 125 2.84 8.67 31.31
C THR A 125 3.44 10.01 30.89
N CYS A 126 4.24 10.04 29.81
CA CYS A 126 4.91 11.24 29.32
C CYS A 126 4.00 12.13 28.44
N THR A 127 4.51 13.24 27.87
CA THR A 127 3.75 14.09 26.95
C THR A 127 3.43 13.28 25.67
N GLU A 128 2.50 13.78 24.88
CA GLU A 128 2.09 13.16 23.64
C GLU A 128 3.26 13.01 22.65
N ARG A 129 4.07 14.09 22.44
CA ARG A 129 5.20 13.98 21.56
C ARG A 129 6.24 12.93 22.01
N LEU A 130 6.43 12.79 23.34
CA LEU A 130 7.33 11.77 23.85
C LEU A 130 6.78 10.38 23.75
N LYS A 131 5.44 10.24 23.69
CA LYS A 131 4.79 8.95 23.50
C LYS A 131 5.16 8.42 22.09
N LEU A 132 5.21 9.32 21.09
CA LEU A 132 5.57 8.94 19.73
C LEU A 132 7.05 8.63 19.64
N PHE A 133 7.88 9.42 20.31
CA PHE A 133 9.34 9.19 20.35
C PHE A 133 9.60 7.84 21.00
N ALA A 134 8.95 7.55 22.13
CA ALA A 134 9.09 6.27 22.82
C ALA A 134 8.59 5.12 21.95
N ALA A 135 7.43 5.28 21.27
CA ALA A 135 6.87 4.20 20.45
C ALA A 135 7.76 3.86 19.27
N GLU A 136 8.28 4.86 18.58
CA GLU A 136 9.14 4.67 17.42
C GLU A 136 10.48 4.01 17.88
N THR A 137 11.08 4.52 18.99
CA THR A 137 12.37 4.06 19.57
C THR A 137 12.26 2.61 20.03
N LEU A 138 11.15 2.31 20.73
CA LEU A 138 10.82 0.98 21.21
C LEU A 138 10.69 0.04 20.04
N LYS A 139 9.87 0.41 19.03
CA LYS A 139 9.64 -0.47 17.90
C LYS A 139 10.91 -0.72 17.10
N ALA A 140 11.76 0.31 16.95
CA ALA A 140 13.06 0.18 16.29
C ALA A 140 13.94 -0.82 17.08
N THR A 141 13.95 -0.72 18.40
CA THR A 141 14.74 -1.59 19.26
C THR A 141 14.29 -3.05 19.16
N GLU A 142 12.96 -3.24 19.10
CA GLU A 142 12.33 -4.56 18.97
C GLU A 142 12.70 -5.19 17.63
N GLU A 143 12.80 -4.40 16.55
CA GLU A 143 13.16 -4.90 15.23
C GLU A 143 14.63 -5.24 15.17
N THR A 144 15.52 -4.36 15.70
CA THR A 144 16.95 -4.68 15.73
C THR A 144 17.23 -5.93 16.60
N PHE A 145 16.39 -6.19 17.61
CA PHE A 145 16.51 -7.38 18.43
C PHE A 145 16.21 -8.67 17.60
N LYS A 146 15.33 -8.56 16.58
CA LYS A 146 15.05 -9.72 15.72
C LYS A 146 16.32 -10.19 14.99
N LEU A 147 17.27 -9.27 14.70
CA LEU A 147 18.57 -9.58 14.06
C LEU A 147 19.49 -10.39 14.97
N SER A 148 19.26 -10.37 16.30
CA SER A 148 20.09 -11.10 17.27
C SER A 148 19.88 -12.60 17.17
N TYR A 149 18.71 -13.05 16.69
CA TYR A 149 18.42 -14.48 16.58
C TYR A 149 19.18 -15.17 15.43
N GLY A 150 19.50 -16.44 15.66
CA GLY A 150 20.22 -17.23 14.69
C GLY A 150 19.35 -17.73 13.55
N ILE A 151 19.98 -17.95 12.39
CA ILE A 151 19.33 -18.49 11.20
C ILE A 151 19.06 -19.99 11.41
N ALA A 152 17.86 -20.46 10.96
CA ALA A 152 17.46 -21.87 11.00
C ALA A 152 17.62 -22.42 9.57
N THR A 153 18.34 -23.54 9.39
CA THR A 153 18.57 -24.11 8.07
C THR A 153 18.04 -25.51 7.98
N VAL A 154 17.40 -25.88 6.86
CA VAL A 154 16.88 -27.22 6.72
C VAL A 154 18.04 -28.21 6.52
N ARG A 155 18.19 -29.09 7.51
CA ARG A 155 19.18 -30.15 7.50
C ARG A 155 18.57 -31.33 6.69
N GLU A 156 17.29 -31.72 6.99
CA GLU A 156 16.53 -32.77 6.27
C GLU A 156 14.97 -32.58 6.35
N VAL A 157 14.27 -32.81 5.22
CA VAL A 157 12.80 -32.70 5.17
C VAL A 157 12.17 -34.08 5.41
N LEU A 158 11.56 -34.27 6.58
CA LEU A 158 10.94 -35.54 6.93
C LEU A 158 9.62 -35.78 6.18
N SER A 159 8.72 -34.79 6.24
CA SER A 159 7.39 -34.90 5.69
C SER A 159 6.83 -33.52 5.24
N ASP A 160 5.50 -33.43 4.95
CA ASP A 160 4.74 -32.23 4.54
C ASP A 160 4.41 -31.28 5.73
N ARG A 161 4.63 -31.75 6.97
CA ARG A 161 4.39 -30.98 8.18
C ARG A 161 5.50 -31.15 9.23
N GLU A 162 6.56 -31.93 8.94
CA GLU A 162 7.67 -32.09 9.88
C GLU A 162 9.04 -32.08 9.17
N LEU A 163 10.05 -31.45 9.79
CA LEU A 163 11.42 -31.41 9.25
C LEU A 163 12.49 -31.27 10.39
N HIS A 164 13.78 -31.31 10.03
CA HIS A 164 14.88 -31.15 10.98
C HIS A 164 15.65 -29.85 10.67
N LEU A 165 15.87 -29.02 11.69
CA LEU A 165 16.55 -27.75 11.53
C LEU A 165 17.95 -27.71 12.17
N SER A 166 18.87 -27.01 11.50
CA SER A 166 20.24 -26.80 11.94
C SER A 166 20.33 -25.30 12.27
N TRP A 167 20.68 -24.97 13.52
CA TRP A 167 20.71 -23.57 13.95
C TRP A 167 22.05 -22.92 13.90
N GLU A 168 22.07 -21.60 13.78
CA GLU A 168 23.31 -20.84 13.76
C GLU A 168 23.91 -20.82 15.16
N VAL A 169 25.20 -21.18 15.26
CA VAL A 169 25.89 -21.21 16.54
C VAL A 169 26.32 -19.80 16.91
N GLY A 170 26.36 -19.52 18.20
CA GLY A 170 26.77 -18.19 18.69
C GLY A 170 25.60 -17.25 18.89
N LYS A 171 24.53 -17.43 18.12
CA LYS A 171 23.32 -16.62 18.21
C LYS A 171 22.19 -17.44 18.83
N PRO A 172 21.40 -16.81 19.72
CA PRO A 172 20.30 -17.54 20.37
C PRO A 172 19.20 -17.94 19.40
N ARG A 173 18.41 -18.95 19.79
CA ARG A 173 17.32 -19.45 18.98
C ARG A 173 16.00 -18.83 19.43
N PRO A 174 15.23 -18.26 18.50
CA PRO A 174 13.94 -17.66 18.89
C PRO A 174 12.96 -18.71 19.41
N PRO A 175 12.06 -18.30 20.31
CA PRO A 175 11.05 -19.24 20.81
C PRO A 175 10.21 -19.82 19.65
N LEU A 176 9.89 -21.12 19.68
CA LEU A 176 9.12 -21.73 18.57
C LEU A 176 7.63 -21.90 18.84
N ASN A 177 6.86 -20.94 18.40
CA ASN A 177 5.41 -20.97 18.53
C ASN A 177 4.80 -20.24 17.30
N ARG A 178 3.53 -19.83 17.36
CA ARG A 178 2.90 -19.11 16.25
C ARG A 178 3.24 -17.61 16.28
N ASN A 179 3.68 -17.04 17.44
CA ASN A 179 4.03 -15.61 17.55
C ASN A 179 5.28 -15.28 16.74
N TYR A 180 6.22 -16.22 16.68
CA TYR A 180 7.45 -16.04 15.93
C TYR A 180 7.28 -16.50 14.47
N VAL A 181 7.08 -15.53 13.56
CA VAL A 181 6.88 -15.78 12.13
C VAL A 181 8.17 -15.52 11.31
N PHE A 182 8.62 -16.57 10.64
CA PHE A 182 9.82 -16.61 9.82
C PHE A 182 9.51 -16.38 8.35
N THR A 183 10.54 -16.10 7.58
CA THR A 183 10.49 -15.95 6.14
C THR A 183 11.50 -16.96 5.62
N GLY A 184 11.07 -17.78 4.69
CA GLY A 184 11.94 -18.79 4.10
C GLY A 184 12.66 -18.26 2.88
N TYR A 185 13.84 -18.85 2.55
CA TYR A 185 14.64 -18.43 1.41
C TYR A 185 15.34 -19.63 0.76
N GLN A 194 12.33 -15.52 -1.21
CA GLN A 194 11.19 -15.49 -0.29
C GLN A 194 10.18 -16.57 -0.66
N ILE A 195 10.29 -17.76 -0.06
CA ILE A 195 9.40 -18.88 -0.34
C ILE A 195 8.18 -18.92 0.60
N GLY A 196 7.70 -17.75 1.00
CA GLY A 196 6.55 -17.64 1.87
C GLY A 196 6.90 -17.62 3.35
N GLU A 197 6.00 -17.07 4.15
CA GLU A 197 6.20 -17.02 5.60
C GLU A 197 5.99 -18.40 6.23
N TYR A 198 6.73 -18.71 7.29
CA TYR A 198 6.66 -20.01 7.96
C TYR A 198 6.65 -19.87 9.48
N THR A 199 5.98 -20.79 10.17
CA THR A 199 6.00 -20.88 11.63
C THR A 199 6.45 -22.33 12.02
N PHE A 200 7.01 -22.53 13.25
CA PHE A 200 7.50 -23.83 13.75
C PHE A 200 7.08 -24.13 15.22
N GLU A 201 6.89 -25.42 15.57
CA GLU A 201 6.50 -25.87 16.91
C GLU A 201 7.13 -27.25 17.16
N LYS A 202 7.74 -27.48 18.34
CA LYS A 202 8.41 -28.75 18.68
C LYS A 202 7.56 -30.03 18.42
N ASP A 207 13.82 -34.20 18.30
CA ASP A 207 14.49 -33.31 17.36
C ASP A 207 13.58 -32.84 16.21
N ALA A 208 12.51 -33.62 15.92
CA ALA A 208 11.55 -33.35 14.85
C ALA A 208 10.63 -32.17 15.13
N VAL A 209 10.83 -31.09 14.36
CA VAL A 209 10.01 -29.90 14.47
C VAL A 209 8.84 -29.92 13.45
N VAL A 210 7.70 -29.34 13.85
CA VAL A 210 6.50 -29.26 13.04
C VAL A 210 6.50 -27.89 12.31
N TYR A 211 6.42 -27.86 10.96
CA TYR A 211 6.42 -26.60 10.20
C TYR A 211 5.08 -26.26 9.55
N ARG A 212 4.82 -24.96 9.40
CA ARG A 212 3.60 -24.51 8.78
C ARG A 212 3.92 -23.34 7.86
N GLY A 213 3.84 -23.60 6.56
CA GLY A 213 4.12 -22.56 5.57
C GLY A 213 2.86 -21.90 5.06
N THR A 214 2.90 -20.57 4.93
CA THR A 214 1.77 -19.77 4.40
C THR A 214 1.52 -20.22 2.95
N THR A 215 2.60 -20.33 2.16
CA THR A 215 2.52 -20.85 0.80
C THR A 215 2.87 -22.34 0.89
N THR A 216 2.07 -23.23 0.25
CA THR A 216 2.38 -24.66 0.26
C THR A 216 3.55 -24.90 -0.70
N TYR A 217 4.74 -25.04 -0.14
CA TYR A 217 5.95 -25.20 -0.93
C TYR A 217 6.67 -26.47 -0.54
N LYS A 218 7.21 -27.19 -1.52
CA LYS A 218 7.97 -28.40 -1.29
C LYS A 218 9.28 -27.98 -0.64
N LEU A 219 9.41 -28.18 0.70
CA LEU A 219 10.59 -27.80 1.48
C LEU A 219 11.90 -28.41 0.95
N ASN A 220 12.83 -27.54 0.47
CA ASN A 220 14.12 -27.99 -0.07
C ASN A 220 15.17 -28.02 1.05
N VAL A 221 16.20 -28.86 0.91
CA VAL A 221 17.28 -28.94 1.89
C VAL A 221 18.25 -27.73 1.67
N GLY A 222 18.73 -27.11 2.76
CA GLY A 222 19.57 -25.93 2.64
C GLY A 222 18.78 -24.62 2.61
N ASP A 223 17.43 -24.71 2.52
CA ASP A 223 16.59 -23.52 2.58
C ASP A 223 16.68 -22.99 4.03
N TYR A 224 16.65 -21.67 4.21
CA TYR A 224 16.82 -21.10 5.53
C TYR A 224 15.69 -20.12 5.94
N PHE A 225 15.51 -19.93 7.25
CA PHE A 225 14.44 -19.13 7.81
C PHE A 225 14.96 -18.04 8.70
N VAL A 226 14.43 -16.83 8.53
CA VAL A 226 14.83 -15.66 9.32
C VAL A 226 13.56 -14.89 9.73
N LEU A 227 13.51 -14.33 10.95
CA LEU A 227 12.37 -13.51 11.35
C LEU A 227 12.53 -12.18 10.60
N THR A 228 11.54 -11.80 9.75
CA THR A 228 11.61 -10.58 8.93
C THR A 228 11.53 -9.25 9.70
N SER A 229 12.69 -8.67 10.04
CA SER A 229 12.75 -7.39 10.73
C SER A 229 12.39 -6.22 9.79
N HIS A 230 11.14 -5.72 9.86
CA HIS A 230 10.73 -4.61 9.00
C HIS A 230 11.27 -3.25 9.48
N THR A 231 11.36 -2.29 8.56
CA THR A 231 11.83 -0.93 8.83
C THR A 231 10.73 -0.21 9.56
N VAL A 232 11.06 0.38 10.71
CA VAL A 232 10.09 1.14 11.50
C VAL A 232 9.99 2.51 10.92
N MET A 233 8.82 2.87 10.43
CA MET A 233 8.59 4.18 9.88
C MET A 233 8.37 5.18 11.01
N PRO A 234 8.67 6.47 10.76
CA PRO A 234 8.45 7.46 11.81
C PRO A 234 6.96 7.76 12.00
N LEU A 235 6.60 8.17 13.22
CA LEU A 235 5.25 8.54 13.56
C LEU A 235 5.08 10.05 13.38
N SER A 236 3.85 10.49 13.14
CA SER A 236 3.54 11.91 12.94
C SER A 236 2.30 12.29 13.76
N ALA A 237 1.25 11.45 13.70
CA ALA A 237 0.01 11.71 14.40
C ALA A 237 0.05 11.32 15.87
N PRO A 238 -0.74 11.99 16.73
CA PRO A 238 -0.75 11.59 18.16
C PRO A 238 -1.41 10.21 18.34
N THR A 239 -1.22 9.59 19.51
CA THR A 239 -1.89 8.31 19.82
C THR A 239 -3.41 8.51 19.91
N LEU A 240 -3.83 9.69 20.40
CA LEU A 240 -5.20 10.12 20.52
C LEU A 240 -5.24 11.56 20.02
N VAL A 241 -6.22 11.90 19.20
CA VAL A 241 -6.39 13.30 18.77
C VAL A 241 -6.84 14.11 20.01
N PRO A 242 -6.73 15.46 20.03
CA PRO A 242 -7.23 16.20 21.20
C PRO A 242 -8.74 15.97 21.31
N GLN A 243 -9.22 15.73 22.52
CA GLN A 243 -10.63 15.50 22.74
C GLN A 243 -11.46 16.72 22.44
N GLU A 244 -12.67 16.51 21.92
CA GLU A 244 -13.61 17.58 21.63
C GLU A 244 -14.96 17.10 22.09
N HIS A 245 -15.64 17.88 22.90
CA HIS A 245 -16.97 17.56 23.34
C HIS A 245 -17.91 18.48 22.59
N TYR A 246 -19.00 17.94 22.09
CA TYR A 246 -19.97 18.69 21.31
C TYR A 246 -21.30 18.80 22.06
N VAL A 247 -22.10 19.81 21.67
CA VAL A 247 -23.42 20.08 22.24
C VAL A 247 -24.49 19.18 21.60
N ARG A 248 -24.29 18.82 20.32
CA ARG A 248 -25.19 18.00 19.53
C ARG A 248 -24.37 16.92 18.81
N ILE A 249 -25.07 15.89 18.26
CA ILE A 249 -24.41 14.84 17.46
C ILE A 249 -23.84 15.52 16.22
N THR A 250 -22.55 15.37 16.00
CA THR A 250 -21.85 16.09 14.97
C THR A 250 -21.45 15.25 13.77
N GLY A 251 -21.84 15.67 12.57
CA GLY A 251 -21.48 14.99 11.32
C GLY A 251 -22.11 13.63 11.08
N LEU A 252 -23.00 13.23 11.98
CA LEU A 252 -23.69 11.95 11.92
C LEU A 252 -25.19 12.21 11.94
N TYR A 253 -25.97 11.31 11.33
CA TYR A 253 -27.42 11.44 11.23
C TYR A 253 -28.14 10.20 11.78
N PRO A 254 -28.71 10.30 13.00
CA PRO A 254 -29.35 9.12 13.61
C PRO A 254 -30.56 8.57 12.89
N THR A 255 -30.83 7.25 13.05
CA THR A 255 -32.08 6.71 12.52
C THR A 255 -33.12 6.92 13.63
N LEU A 256 -34.34 7.09 13.19
CA LEU A 256 -35.47 7.14 14.10
C LEU A 256 -36.14 5.75 14.21
N ASN A 257 -35.78 4.82 13.30
CA ASN A 257 -36.26 3.47 13.13
C ASN A 257 -35.16 2.48 13.61
N ILE A 258 -34.52 2.73 14.78
CA ILE A 258 -33.47 1.80 15.27
C ILE A 258 -34.06 0.46 15.82
N SER A 259 -33.56 -0.70 15.34
CA SER A 259 -34.02 -2.03 15.74
C SER A 259 -33.92 -2.26 17.25
N ASP A 260 -34.89 -2.99 17.85
CA ASP A 260 -34.95 -3.31 19.28
C ASP A 260 -33.65 -3.95 19.77
N GLU A 261 -33.06 -4.80 18.91
CA GLU A 261 -31.79 -5.49 19.10
C GLU A 261 -30.69 -4.52 19.52
N PHE A 262 -30.68 -3.31 18.94
CA PHE A 262 -29.64 -2.34 19.26
C PHE A 262 -30.07 -1.20 20.16
N SER A 263 -31.34 -1.20 20.60
CA SER A 263 -31.93 -0.21 21.48
C SER A 263 -31.13 0.02 22.77
N SER A 264 -30.54 -1.04 23.32
CA SER A 264 -29.73 -0.91 24.53
C SER A 264 -28.53 0.06 24.32
N ASN A 265 -28.04 0.22 23.07
CA ASN A 265 -26.88 1.07 22.83
C ASN A 265 -27.19 2.44 22.31
N VAL A 266 -28.46 2.82 22.16
CA VAL A 266 -28.82 4.14 21.62
C VAL A 266 -28.15 5.31 22.40
N ALA A 267 -28.19 5.31 23.76
CA ALA A 267 -27.56 6.40 24.53
C ALA A 267 -26.04 6.44 24.28
N ASN A 268 -25.40 5.26 24.17
CA ASN A 268 -23.97 5.13 23.89
C ASN A 268 -23.61 5.62 22.46
N TYR A 269 -24.46 5.30 21.46
CA TYR A 269 -24.30 5.75 20.08
C TYR A 269 -24.42 7.26 19.99
N GLN A 270 -25.30 7.86 20.81
CA GLN A 270 -25.42 9.30 20.87
C GLN A 270 -24.17 9.89 21.52
N LYS A 271 -23.63 9.27 22.58
CA LYS A 271 -22.38 9.72 23.21
C LYS A 271 -21.24 9.73 22.16
N VAL A 272 -21.19 8.70 21.29
CA VAL A 272 -20.21 8.58 20.20
C VAL A 272 -20.25 9.83 19.26
N GLY A 273 -21.44 10.25 18.85
CA GLY A 273 -21.58 11.41 17.98
C GLY A 273 -21.36 12.75 18.64
N MET A 274 -21.37 12.78 19.98
CA MET A 274 -21.23 14.02 20.73
C MET A 274 -19.84 14.31 21.27
N GLN A 275 -18.83 13.55 20.84
CA GLN A 275 -17.43 13.77 21.19
C GLN A 275 -16.50 13.26 20.09
N LYS A 276 -15.29 13.81 20.00
CA LYS A 276 -14.32 13.41 18.98
C LYS A 276 -13.98 11.94 19.11
N TYR A 277 -13.56 11.50 20.30
CA TYR A 277 -13.26 10.09 20.50
C TYR A 277 -13.99 9.57 21.74
N SER A 278 -14.27 8.27 21.74
CA SER A 278 -14.92 7.64 22.87
C SER A 278 -14.34 6.28 23.11
N THR A 279 -14.34 5.87 24.38
CA THR A 279 -13.81 4.58 24.80
C THR A 279 -14.93 3.69 25.31
N LEU A 280 -14.91 2.45 24.86
CA LEU A 280 -15.88 1.48 25.30
C LEU A 280 -15.16 0.28 25.94
N GLN A 281 -15.39 0.06 27.24
CA GLN A 281 -14.87 -1.12 27.89
C GLN A 281 -15.93 -2.17 27.85
N GLY A 282 -15.62 -3.26 27.19
CA GLY A 282 -16.52 -4.37 27.08
C GLY A 282 -15.90 -5.65 27.59
N PRO A 283 -16.24 -6.06 28.82
CA PRO A 283 -15.78 -7.37 29.31
C PRO A 283 -16.22 -8.52 28.39
N PRO A 284 -15.66 -9.74 28.57
CA PRO A 284 -16.02 -10.84 27.67
C PRO A 284 -17.52 -11.08 27.51
N GLY A 285 -17.97 -11.19 26.26
CA GLY A 285 -19.35 -11.56 25.92
C GLY A 285 -20.41 -10.54 26.26
N THR A 286 -20.00 -9.28 26.48
CA THR A 286 -20.89 -8.20 26.81
C THR A 286 -21.50 -7.45 25.60
N GLY A 287 -21.13 -7.83 24.38
CA GLY A 287 -21.68 -7.18 23.19
C GLY A 287 -20.80 -6.19 22.45
N LYS A 288 -19.46 -6.34 22.48
CA LYS A 288 -18.56 -5.42 21.76
C LYS A 288 -18.82 -5.40 20.23
N SER A 289 -18.81 -6.56 19.51
CA SER A 289 -19.07 -6.56 18.07
C SER A 289 -20.48 -6.07 17.76
N HIS A 290 -21.46 -6.44 18.63
CA HIS A 290 -22.83 -6.04 18.49
C HIS A 290 -22.94 -4.51 18.58
N PHE A 291 -22.23 -3.91 19.52
CA PHE A 291 -22.15 -2.47 19.65
C PHE A 291 -21.52 -1.85 18.38
N ALA A 292 -20.35 -2.37 17.96
CA ALA A 292 -19.64 -1.83 16.79
C ALA A 292 -20.49 -1.88 15.52
N ILE A 293 -21.16 -3.00 15.25
CA ILE A 293 -21.98 -3.12 14.04
C ILE A 293 -23.28 -2.29 14.18
N GLY A 294 -23.82 -2.21 15.40
CA GLY A 294 -25.02 -1.42 15.67
C GLY A 294 -24.83 0.06 15.45
N LEU A 295 -23.61 0.53 15.58
CA LEU A 295 -23.27 1.93 15.35
C LEU A 295 -23.57 2.29 13.87
N ALA A 296 -23.33 1.34 12.93
CA ALA A 296 -23.60 1.49 11.51
C ALA A 296 -25.09 1.59 11.25
N LEU A 297 -25.89 0.81 11.97
CA LEU A 297 -27.34 0.84 11.86
C LEU A 297 -27.91 2.11 12.47
N TYR A 298 -27.31 2.63 13.54
CA TYR A 298 -27.78 3.84 14.16
C TYR A 298 -27.44 5.09 13.35
N TYR A 299 -26.30 5.11 12.65
CA TYR A 299 -25.94 6.24 11.78
C TYR A 299 -25.83 5.63 10.37
N PRO A 300 -26.99 5.34 9.74
CA PRO A 300 -26.99 4.53 8.51
C PRO A 300 -26.27 5.08 7.29
N SER A 301 -26.07 6.41 7.21
CA SER A 301 -25.34 6.98 6.07
C SER A 301 -23.83 7.21 6.37
N ALA A 302 -23.39 6.98 7.63
CA ALA A 302 -21.99 7.13 8.02
C ALA A 302 -21.09 6.07 7.42
N ARG A 303 -19.96 6.52 6.93
CA ARG A 303 -18.92 5.68 6.36
C ARG A 303 -18.04 5.26 7.56
N ILE A 304 -17.97 3.96 7.81
CA ILE A 304 -17.21 3.47 8.95
C ILE A 304 -16.04 2.60 8.55
N VAL A 305 -14.89 2.90 9.14
CA VAL A 305 -13.73 2.07 8.95
C VAL A 305 -13.56 1.27 10.25
N TYR A 306 -13.63 -0.04 10.14
CA TYR A 306 -13.48 -0.96 11.26
C TYR A 306 -12.07 -1.50 11.20
N THR A 307 -11.32 -1.26 12.25
CA THR A 307 -9.94 -1.67 12.33
C THR A 307 -9.63 -2.37 13.64
N ALA A 308 -8.59 -3.18 13.62
CA ALA A 308 -8.02 -3.93 14.74
C ALA A 308 -6.60 -4.35 14.33
N CYS A 309 -5.74 -4.71 15.29
CA CYS A 309 -4.37 -5.11 14.95
C CYS A 309 -4.31 -6.41 14.18
N SER A 310 -5.06 -7.42 14.64
CA SER A 310 -5.03 -8.75 14.03
C SER A 310 -6.08 -8.99 12.97
N HIS A 311 -5.76 -9.90 12.06
CA HIS A 311 -6.70 -10.35 11.04
C HIS A 311 -7.89 -11.06 11.68
N ALA A 312 -7.66 -11.78 12.80
CA ALA A 312 -8.74 -12.45 13.48
C ALA A 312 -9.78 -11.43 14.01
N ALA A 313 -9.33 -10.35 14.69
CA ALA A 313 -10.28 -9.36 15.21
C ALA A 313 -11.04 -8.65 14.11
N VAL A 314 -10.35 -8.35 12.99
CA VAL A 314 -11.01 -7.72 11.87
C VAL A 314 -12.08 -8.68 11.27
N ASP A 315 -11.75 -9.98 11.15
CA ASP A 315 -12.64 -11.03 10.65
C ASP A 315 -13.87 -11.20 11.53
N ALA A 316 -13.73 -11.11 12.86
CA ALA A 316 -14.86 -11.21 13.75
C ALA A 316 -15.83 -10.03 13.54
N LEU A 317 -15.28 -8.82 13.24
CA LEU A 317 -16.13 -7.67 12.94
C LEU A 317 -16.86 -7.90 11.59
N CYS A 318 -16.17 -8.52 10.61
CA CYS A 318 -16.75 -8.88 9.31
C CYS A 318 -17.92 -9.85 9.51
N GLU A 319 -17.74 -10.85 10.42
CA GLU A 319 -18.78 -11.86 10.71
C GLU A 319 -20.07 -11.21 11.19
N LYS A 320 -19.96 -10.26 12.15
CA LYS A 320 -21.09 -9.52 12.70
C LYS A 320 -21.72 -8.65 11.61
N ALA A 321 -20.90 -7.95 10.81
CA ALA A 321 -21.39 -7.10 9.72
C ALA A 321 -22.14 -7.93 8.66
N LEU A 322 -21.65 -9.15 8.39
CA LEU A 322 -22.27 -10.03 7.42
C LEU A 322 -23.73 -10.34 7.78
N LYS A 323 -24.00 -10.45 9.09
CA LYS A 323 -25.32 -10.68 9.64
C LYS A 323 -26.26 -9.45 9.53
N TYR A 324 -25.78 -8.23 9.89
CA TYR A 324 -26.63 -7.05 9.99
C TYR A 324 -26.49 -5.93 8.94
N LEU A 325 -25.36 -5.86 8.23
CA LEU A 325 -25.12 -4.79 7.26
C LEU A 325 -25.20 -5.27 5.81
N PRO A 326 -25.56 -4.37 4.87
CA PRO A 326 -25.61 -4.78 3.46
C PRO A 326 -24.22 -5.18 2.93
N ILE A 327 -24.08 -6.44 2.56
CA ILE A 327 -22.85 -7.04 2.06
C ILE A 327 -22.18 -6.24 0.90
N ASP A 328 -22.99 -5.61 0.02
CA ASP A 328 -22.44 -4.83 -1.09
C ASP A 328 -21.82 -3.48 -0.65
N LYS A 329 -22.14 -3.03 0.57
CA LYS A 329 -21.53 -1.81 1.09
C LYS A 329 -20.29 -2.11 1.98
N CYS A 330 -19.78 -3.36 1.96
CA CYS A 330 -18.63 -3.76 2.75
C CYS A 330 -17.46 -4.19 1.91
N SER A 331 -16.27 -3.98 2.46
CA SER A 331 -15.05 -4.43 1.82
C SER A 331 -14.01 -4.84 2.85
N ARG A 332 -13.36 -5.98 2.61
CA ARG A 332 -12.29 -6.45 3.47
C ARG A 332 -10.97 -6.08 2.75
N ILE A 333 -10.12 -5.24 3.38
CA ILE A 333 -8.84 -4.79 2.80
C ILE A 333 -7.79 -5.79 3.19
N ILE A 334 -7.21 -6.45 2.20
CA ILE A 334 -6.18 -7.47 2.37
C ILE A 334 -4.91 -7.04 1.65
N PRO A 335 -3.79 -6.89 2.38
CA PRO A 335 -2.52 -6.54 1.72
C PRO A 335 -2.06 -7.65 0.79
N ALA A 336 -1.53 -7.27 -0.39
CA ALA A 336 -1.06 -8.18 -1.43
C ALA A 336 -0.18 -9.33 -0.89
N ARG A 337 0.66 -9.07 0.13
CA ARG A 337 1.45 -10.13 0.76
C ARG A 337 0.57 -10.80 1.83
N ALA A 338 -0.27 -11.76 1.41
CA ALA A 338 -1.18 -12.44 2.32
C ALA A 338 -0.40 -13.32 3.29
N ARG A 339 -0.48 -12.98 4.58
CA ARG A 339 0.25 -13.65 5.67
C ARG A 339 -0.59 -14.74 6.37
N VAL A 340 -1.94 -14.66 6.28
CA VAL A 340 -2.94 -15.62 6.82
C VAL A 340 -4.20 -15.65 5.93
N GLU A 341 -5.01 -16.71 6.07
CA GLU A 341 -6.29 -16.83 5.37
C GLU A 341 -7.28 -15.99 6.18
N CYS A 342 -7.97 -15.06 5.52
CA CYS A 342 -8.93 -14.21 6.22
C CYS A 342 -10.29 -14.09 5.46
N PHE A 343 -11.22 -13.25 5.97
CA PHE A 343 -12.58 -13.05 5.49
C PHE A 343 -12.73 -12.91 3.97
N ASP A 344 -13.53 -13.84 3.40
CA ASP A 344 -13.78 -13.99 1.96
C ASP A 344 -15.14 -13.47 1.43
N LYS A 345 -16.14 -13.23 2.31
CA LYS A 345 -17.50 -12.86 1.89
C LYS A 345 -17.74 -11.38 1.52
N PHE A 346 -16.74 -10.49 1.56
CA PHE A 346 -16.94 -9.10 1.11
C PHE A 346 -16.08 -8.86 -0.14
N LYS A 347 -16.39 -7.80 -0.92
CA LYS A 347 -15.54 -7.45 -2.07
C LYS A 347 -14.16 -7.00 -1.50
N VAL A 348 -13.09 -7.57 -2.03
CA VAL A 348 -11.74 -7.33 -1.52
C VAL A 348 -11.08 -6.08 -2.11
N ASN A 349 -10.49 -5.26 -1.22
CA ASN A 349 -9.69 -4.06 -1.52
C ASN A 349 -10.46 -2.96 -2.23
N SER A 350 -11.68 -2.71 -1.81
CA SER A 350 -12.50 -1.65 -2.34
C SER A 350 -12.58 -0.62 -1.24
N THR A 351 -11.52 0.19 -1.11
CA THR A 351 -11.32 1.23 -0.12
C THR A 351 -12.50 2.22 0.01
N LEU A 352 -13.27 2.37 -1.06
CA LEU A 352 -14.35 3.36 -1.08
C LEU A 352 -15.72 2.84 -0.69
N GLU A 353 -15.82 1.54 -0.28
CA GLU A 353 -17.09 1.00 0.21
C GLU A 353 -17.46 1.72 1.52
N GLN A 354 -18.75 1.82 1.83
CA GLN A 354 -19.19 2.49 3.04
C GLN A 354 -18.62 1.87 4.33
N TYR A 355 -18.36 0.57 4.30
CA TYR A 355 -17.83 -0.18 5.43
C TYR A 355 -16.55 -0.87 5.02
N VAL A 356 -15.46 -0.44 5.63
CA VAL A 356 -14.16 -1.00 5.32
C VAL A 356 -13.58 -1.74 6.53
N PHE A 357 -13.14 -2.97 6.34
CA PHE A 357 -12.64 -3.82 7.41
C PHE A 357 -11.21 -4.10 7.08
N CYS A 358 -10.30 -3.62 7.94
CA CYS A 358 -8.89 -3.67 7.64
C CYS A 358 -8.00 -3.64 8.89
N THR A 359 -6.92 -4.44 8.91
CA THR A 359 -5.97 -4.42 10.02
C THR A 359 -5.22 -3.05 10.05
N VAL A 360 -4.71 -2.64 11.22
CA VAL A 360 -4.00 -1.37 11.35
C VAL A 360 -2.85 -1.21 10.33
N ASN A 361 -1.96 -2.23 10.22
CA ASN A 361 -0.78 -2.19 9.35
C ASN A 361 -1.11 -2.12 7.84
N ALA A 362 -2.39 -2.39 7.46
CA ALA A 362 -2.85 -2.38 6.06
C ALA A 362 -3.79 -1.21 5.71
N LEU A 363 -4.04 -0.32 6.68
CA LEU A 363 -4.94 0.80 6.48
C LEU A 363 -4.55 1.69 5.34
N PRO A 364 -5.51 2.00 4.47
CA PRO A 364 -5.22 2.99 3.42
C PRO A 364 -5.33 4.40 4.00
N GLU A 365 -4.84 5.38 3.25
CA GLU A 365 -4.94 6.77 3.65
C GLU A 365 -6.28 7.21 3.14
N THR A 366 -7.23 7.32 4.08
CA THR A 366 -8.59 7.68 3.74
C THR A 366 -9.27 8.48 4.87
N THR A 367 -10.51 8.90 4.64
CA THR A 367 -11.32 9.61 5.60
C THR A 367 -12.50 8.71 6.01
N ALA A 368 -13.19 9.06 7.09
CA ALA A 368 -14.36 8.30 7.55
C ALA A 368 -15.21 9.17 8.48
N ASP A 369 -16.49 8.85 8.59
CA ASP A 369 -17.36 9.53 9.54
C ASP A 369 -17.05 8.95 10.94
N ILE A 370 -16.82 7.63 11.02
CA ILE A 370 -16.47 6.95 12.25
C ILE A 370 -15.38 5.91 11.94
N VAL A 371 -14.40 5.85 12.83
CA VAL A 371 -13.37 4.83 12.82
C VAL A 371 -13.62 4.05 14.11
N VAL A 372 -13.78 2.73 13.97
CA VAL A 372 -13.98 1.86 15.12
C VAL A 372 -12.71 1.02 15.25
N PHE A 373 -11.97 1.18 16.35
CA PHE A 373 -10.73 0.44 16.56
C PHE A 373 -11.01 -0.55 17.68
N ASP A 374 -11.16 -1.82 17.33
CA ASP A 374 -11.52 -2.91 18.22
C ASP A 374 -10.28 -3.59 18.84
N GLU A 375 -10.50 -4.40 19.91
CA GLU A 375 -9.50 -5.16 20.66
C GLU A 375 -8.31 -4.26 21.06
N ILE A 376 -8.66 -3.13 21.70
CA ILE A 376 -7.74 -2.06 22.04
C ILE A 376 -6.67 -2.43 23.05
N SER A 377 -6.89 -3.44 23.93
CA SER A 377 -5.83 -3.85 24.85
C SER A 377 -4.62 -4.42 24.08
N MET A 378 -4.82 -4.97 22.85
CA MET A 378 -3.76 -5.52 21.98
C MET A 378 -3.00 -4.47 21.16
N ALA A 379 -3.48 -3.23 21.15
CA ALA A 379 -2.81 -2.19 20.40
C ALA A 379 -1.67 -1.63 21.23
N THR A 380 -0.66 -1.13 20.51
CA THR A 380 0.46 -0.39 21.08
C THR A 380 0.20 1.09 20.72
N ASN A 381 0.95 2.01 21.33
CA ASN A 381 0.88 3.43 20.97
C ASN A 381 1.33 3.66 19.52
N TYR A 382 2.20 2.77 18.98
CA TYR A 382 2.63 2.84 17.60
C TYR A 382 1.38 2.64 16.69
N ASP A 383 0.55 1.62 17.00
CA ASP A 383 -0.71 1.35 16.31
C ASP A 383 -1.70 2.50 16.46
N LEU A 384 -1.85 3.07 17.67
CA LEU A 384 -2.75 4.20 17.90
C LEU A 384 -2.38 5.38 17.02
N SER A 385 -1.05 5.63 16.88
CA SER A 385 -0.53 6.72 16.07
C SER A 385 -0.73 6.47 14.57
N VAL A 386 -0.48 5.22 14.09
CA VAL A 386 -0.67 4.86 12.69
C VAL A 386 -2.11 5.08 12.27
N VAL A 387 -3.07 4.67 13.12
CA VAL A 387 -4.49 4.85 12.82
C VAL A 387 -4.82 6.34 12.65
N ASN A 388 -4.32 7.18 13.56
CA ASN A 388 -4.56 8.62 13.48
C ASN A 388 -3.93 9.25 12.23
N ALA A 389 -2.79 8.69 11.75
CA ALA A 389 -2.10 9.20 10.57
C ALA A 389 -2.77 8.76 9.26
N ARG A 390 -3.27 7.52 9.18
CA ARG A 390 -3.90 7.04 7.95
C ARG A 390 -5.38 7.43 7.85
N LEU A 391 -6.06 7.60 8.99
CA LEU A 391 -7.49 7.88 8.98
C LEU A 391 -7.89 9.24 9.53
N ARG A 392 -8.52 10.08 8.69
CA ARG A 392 -9.03 11.38 9.14
C ARG A 392 -10.51 11.18 9.39
N ALA A 393 -10.94 11.16 10.67
CA ALA A 393 -12.32 10.88 11.02
C ALA A 393 -13.05 11.92 11.87
N LYS A 394 -14.38 11.98 11.70
CA LYS A 394 -15.19 12.86 12.52
C LYS A 394 -15.26 12.28 13.96
N HIS A 395 -15.29 10.94 14.08
CA HIS A 395 -15.37 10.24 15.37
C HIS A 395 -14.51 9.01 15.42
N TYR A 396 -13.87 8.79 16.55
CA TYR A 396 -13.02 7.62 16.77
C TYR A 396 -13.58 6.84 17.95
N VAL A 397 -13.85 5.54 17.78
CA VAL A 397 -14.36 4.73 18.87
C VAL A 397 -13.38 3.63 19.18
N TYR A 398 -12.92 3.58 20.42
CA TYR A 398 -11.95 2.58 20.83
C TYR A 398 -12.66 1.57 21.66
N ILE A 399 -12.72 0.33 21.17
CA ILE A 399 -13.40 -0.73 21.86
C ILE A 399 -12.41 -1.80 22.32
N GLY A 400 -12.56 -2.22 23.55
CA GLY A 400 -11.73 -3.29 24.08
C GLY A 400 -11.93 -3.48 25.55
N ASP A 401 -10.92 -4.03 26.20
CA ASP A 401 -11.01 -4.28 27.62
C ASP A 401 -9.62 -4.32 28.22
N PRO A 402 -9.28 -3.33 29.08
CA PRO A 402 -7.96 -3.32 29.71
C PRO A 402 -7.76 -4.49 30.69
N ALA A 403 -8.83 -5.25 31.01
CA ALA A 403 -8.72 -6.47 31.83
C ALA A 403 -8.39 -7.70 30.97
N GLN A 404 -8.20 -7.52 29.65
CA GLN A 404 -7.81 -8.59 28.79
C GLN A 404 -6.32 -8.46 28.42
N LEU A 405 -5.83 -9.33 27.57
CA LEU A 405 -4.43 -9.41 27.23
C LEU A 405 -3.90 -8.28 26.35
N PRO A 406 -2.69 -7.78 26.70
CA PRO A 406 -2.06 -6.78 25.86
C PRO A 406 -1.20 -7.45 24.75
N ALA A 407 -0.63 -6.61 23.86
CA ALA A 407 0.28 -7.12 22.83
C ALA A 407 1.55 -7.61 23.55
N PRO A 408 2.16 -8.72 23.10
CA PRO A 408 3.39 -9.18 23.76
C PRO A 408 4.51 -8.17 23.57
N ARG A 409 5.26 -7.93 24.62
CA ARG A 409 6.38 -6.99 24.59
C ARG A 409 7.61 -7.87 24.64
N THR A 410 8.07 -8.30 23.46
CA THR A 410 9.20 -9.21 23.29
C THR A 410 10.46 -8.76 24.06
N LEU A 411 10.72 -7.44 24.18
CA LEU A 411 11.90 -7.00 24.93
C LEU A 411 11.71 -6.99 26.44
N LEU A 412 10.48 -6.87 26.91
CA LEU A 412 10.17 -6.79 28.34
C LEU A 412 10.36 -8.09 29.11
N THR A 413 11.38 -8.10 29.99
CA THR A 413 11.74 -9.26 30.81
C THR A 413 11.68 -8.94 32.31
N LYS A 414 11.85 -7.67 32.70
CA LYS A 414 11.82 -7.29 34.11
C LYS A 414 10.61 -6.45 34.50
N GLY A 415 9.80 -6.99 35.39
CA GLY A 415 8.62 -6.29 35.87
C GLY A 415 7.37 -6.67 35.12
N THR A 416 6.23 -6.31 35.70
CA THR A 416 4.94 -6.60 35.06
C THR A 416 4.36 -5.29 34.56
N LEU A 417 3.83 -5.34 33.34
CA LEU A 417 3.18 -4.18 32.75
C LEU A 417 1.69 -4.15 33.12
N GLU A 418 1.29 -3.18 33.95
CA GLU A 418 -0.09 -3.02 34.36
C GLU A 418 -0.97 -2.48 33.20
N PRO A 419 -2.29 -2.84 33.19
CA PRO A 419 -3.23 -2.36 32.13
C PRO A 419 -3.25 -0.86 31.82
N GLU A 420 -3.08 -0.02 32.86
CA GLU A 420 -3.01 1.42 32.65
C GLU A 420 -1.80 1.87 31.80
N TYR A 421 -0.89 0.97 31.46
CA TYR A 421 0.26 1.29 30.64
C TYR A 421 0.26 0.53 29.31
N PHE A 422 -0.83 -0.19 28.95
CA PHE A 422 -0.86 -0.95 27.71
C PHE A 422 -0.73 0.01 26.51
N ASN A 423 -1.43 1.13 26.57
CA ASN A 423 -1.46 2.18 25.53
C ASN A 423 -2.24 3.37 26.10
N SER A 424 -2.34 4.47 25.33
CA SER A 424 -3.07 5.65 25.75
C SER A 424 -4.54 5.42 26.05
N VAL A 425 -5.20 4.56 25.25
CA VAL A 425 -6.61 4.30 25.43
C VAL A 425 -6.81 3.54 26.75
N CYS A 426 -6.01 2.51 26.98
CA CYS A 426 -6.07 1.72 28.22
C CYS A 426 -5.73 2.55 29.41
N ARG A 427 -4.77 3.48 29.28
CA ARG A 427 -4.43 4.40 30.35
C ARG A 427 -5.66 5.25 30.75
N LEU A 428 -6.38 5.82 29.78
CA LEU A 428 -7.59 6.60 30.07
C LEU A 428 -8.65 5.71 30.72
N MET A 429 -8.95 4.52 30.17
CA MET A 429 -9.94 3.63 30.75
C MET A 429 -9.66 3.24 32.20
N LYS A 430 -8.39 3.19 32.58
CA LYS A 430 -8.02 2.79 33.92
C LYS A 430 -7.88 3.95 34.89
N THR A 431 -7.68 5.16 34.37
CA THR A 431 -7.50 6.33 35.24
C THR A 431 -8.83 7.10 35.41
N ILE A 432 -9.36 7.66 34.31
CA ILE A 432 -10.62 8.41 34.32
C ILE A 432 -11.86 7.53 34.06
N GLY A 433 -11.65 6.27 33.68
CA GLY A 433 -12.73 5.36 33.37
C GLY A 433 -13.11 5.41 31.91
N PRO A 434 -13.70 4.32 31.42
CA PRO A 434 -14.15 4.31 30.03
C PRO A 434 -15.38 5.24 29.86
N ASP A 435 -15.61 5.73 28.64
CA ASP A 435 -16.78 6.57 28.36
C ASP A 435 -18.06 5.73 28.48
N MET A 436 -17.98 4.46 28.01
CA MET A 436 -19.07 3.52 28.01
C MET A 436 -18.58 2.17 28.54
N PHE A 437 -19.45 1.47 29.25
CA PHE A 437 -19.11 0.16 29.82
C PHE A 437 -20.27 -0.81 29.58
N LEU A 438 -20.02 -1.93 28.86
CA LEU A 438 -21.05 -2.94 28.64
C LEU A 438 -21.02 -3.85 29.90
N GLY A 439 -22.04 -3.72 30.73
CA GLY A 439 -22.06 -4.38 32.03
C GLY A 439 -22.64 -5.77 32.19
N THR A 440 -23.19 -6.36 31.10
CA THR A 440 -23.77 -7.69 31.26
C THR A 440 -23.15 -8.72 30.37
N CYS A 441 -22.48 -9.67 30.99
CA CYS A 441 -21.91 -10.80 30.28
C CYS A 441 -23.02 -11.77 29.89
N ARG A 442 -23.22 -11.95 28.62
CA ARG A 442 -24.23 -12.89 28.13
C ARG A 442 -23.65 -14.24 27.74
N ARG A 443 -22.31 -14.43 27.86
CA ARG A 443 -21.70 -15.68 27.42
C ARG A 443 -21.57 -16.72 28.50
N CYS A 444 -21.05 -16.31 29.65
CA CYS A 444 -20.55 -17.22 30.64
C CYS A 444 -21.52 -17.65 31.68
N PRO A 445 -21.37 -18.91 32.15
CA PRO A 445 -22.18 -19.34 33.31
C PRO A 445 -21.88 -18.39 34.50
N ALA A 446 -22.88 -18.07 35.31
CA ALA A 446 -22.70 -17.13 36.43
C ALA A 446 -21.46 -17.37 37.31
N GLU A 447 -21.02 -18.63 37.52
CA GLU A 447 -19.83 -18.89 38.35
C GLU A 447 -18.60 -18.17 37.80
N ILE A 448 -18.46 -18.17 36.46
CA ILE A 448 -17.35 -17.51 35.80
C ILE A 448 -17.49 -16.01 35.88
N VAL A 449 -18.69 -15.50 35.59
CA VAL A 449 -18.94 -14.04 35.63
C VAL A 449 -18.66 -13.46 37.00
N ASP A 450 -19.13 -14.14 38.05
CA ASP A 450 -18.94 -13.69 39.42
C ASP A 450 -17.45 -13.70 39.82
N THR A 451 -16.70 -14.72 39.37
CA THR A 451 -15.27 -14.79 39.67
C THR A 451 -14.49 -13.59 39.04
N VAL A 452 -14.67 -13.34 37.73
CA VAL A 452 -13.97 -12.28 37.00
C VAL A 452 -14.48 -10.89 37.39
N SER A 453 -15.79 -10.76 37.70
CA SER A 453 -16.37 -9.50 38.13
C SER A 453 -15.67 -9.03 39.41
N ALA A 454 -15.45 -9.95 40.38
CA ALA A 454 -14.72 -9.59 41.60
C ALA A 454 -13.20 -9.39 41.33
N LEU A 455 -12.61 -10.23 40.48
CA LEU A 455 -11.19 -10.26 40.15
C LEU A 455 -10.69 -9.00 39.44
N VAL A 456 -11.30 -8.60 38.31
CA VAL A 456 -10.78 -7.49 37.50
C VAL A 456 -11.78 -6.37 37.17
N TYR A 457 -13.05 -6.53 37.54
CA TYR A 457 -14.07 -5.54 37.17
C TYR A 457 -14.69 -4.77 38.32
N ASP A 458 -14.09 -4.78 39.51
CA ASP A 458 -14.63 -4.11 40.71
C ASP A 458 -16.13 -4.41 40.93
N ASN A 459 -16.54 -5.65 40.69
CA ASN A 459 -17.89 -6.10 40.89
C ASN A 459 -18.94 -5.41 40.05
N LYS A 460 -18.55 -4.88 38.88
CA LYS A 460 -19.47 -4.19 37.97
C LYS A 460 -19.97 -5.07 36.82
N LEU A 461 -19.37 -6.27 36.66
CA LEU A 461 -19.83 -7.19 35.61
C LEU A 461 -20.95 -8.06 36.17
N LYS A 462 -22.10 -8.08 35.48
CA LYS A 462 -23.24 -8.88 35.91
C LYS A 462 -23.45 -10.10 35.01
N ALA A 463 -23.95 -11.21 35.57
CA ALA A 463 -24.22 -12.41 34.79
C ALA A 463 -25.60 -12.38 34.22
N HIS A 464 -25.74 -12.78 32.97
CA HIS A 464 -27.05 -12.90 32.35
C HIS A 464 -27.50 -14.37 32.51
N LYS A 465 -26.58 -15.32 32.30
CA LYS A 465 -26.87 -16.71 32.45
C LYS A 465 -26.93 -17.07 33.93
N ASP A 466 -27.61 -18.17 34.22
CA ASP A 466 -27.66 -18.74 35.56
C ASP A 466 -26.27 -19.43 35.75
N LYS A 467 -26.02 -19.95 36.96
CA LYS A 467 -24.90 -20.83 37.23
C LYS A 467 -25.16 -22.12 36.42
N SER A 468 -24.16 -22.60 35.68
CA SER A 468 -24.32 -23.80 34.87
C SER A 468 -24.20 -25.08 35.72
N ALA A 469 -23.53 -25.01 36.90
CA ALA A 469 -23.15 -26.15 37.77
C ALA A 469 -22.23 -27.15 36.99
N GLN A 470 -21.55 -26.63 35.94
CA GLN A 470 -20.56 -27.35 35.14
C GLN A 470 -19.21 -26.63 35.18
N CYS A 471 -18.93 -25.86 36.25
CA CYS A 471 -17.66 -25.14 36.43
C CYS A 471 -16.96 -25.78 37.60
N PHE A 472 -15.83 -26.46 37.32
CA PHE A 472 -15.07 -27.20 38.32
C PHE A 472 -13.66 -26.71 38.47
N LYS A 473 -13.11 -26.92 39.67
CA LYS A 473 -11.76 -26.55 39.96
C LYS A 473 -11.06 -27.67 40.74
N MET A 474 -9.80 -27.87 40.42
CA MET A 474 -8.99 -28.83 41.13
C MET A 474 -7.65 -28.24 41.43
N PHE A 475 -7.18 -28.39 42.65
CA PHE A 475 -5.92 -27.84 43.06
C PHE A 475 -4.91 -28.98 42.93
N TYR A 476 -4.06 -28.93 41.90
CA TYR A 476 -3.10 -29.99 41.65
C TYR A 476 -1.83 -29.42 41.03
N LYS A 477 -0.78 -29.24 41.81
CA LYS A 477 0.46 -28.68 41.30
C LYS A 477 1.17 -29.57 40.26
N GLY A 478 0.99 -30.89 40.34
CA GLY A 478 1.57 -31.80 39.38
C GLY A 478 3.09 -31.75 39.40
N VAL A 479 3.71 -31.85 38.21
CA VAL A 479 5.16 -31.81 38.05
C VAL A 479 5.42 -30.93 36.85
N ILE A 480 6.28 -29.93 37.01
CA ILE A 480 6.59 -29.01 35.94
C ILE A 480 7.87 -29.35 35.24
N THR A 481 7.78 -29.69 33.97
CA THR A 481 8.96 -29.90 33.13
C THR A 481 9.01 -28.70 32.15
N HIS A 482 10.10 -28.56 31.38
CA HIS A 482 10.23 -27.43 30.46
C HIS A 482 10.82 -27.79 29.09
N ASP A 483 10.19 -27.32 28.01
CA ASP A 483 10.70 -27.42 26.64
C ASP A 483 11.30 -26.04 26.48
N VAL A 484 12.59 -25.92 26.82
CA VAL A 484 13.34 -24.67 26.88
C VAL A 484 12.77 -23.88 28.11
N SER A 485 11.97 -22.80 27.93
CA SER A 485 11.31 -22.08 29.02
C SER A 485 9.77 -22.24 29.02
N SER A 486 9.23 -22.94 27.98
CA SER A 486 7.82 -23.20 27.85
C SER A 486 7.55 -24.44 28.73
N ALA A 487 6.59 -24.30 29.60
CA ALA A 487 6.31 -25.26 30.62
C ALA A 487 5.33 -26.35 30.23
N ILE A 488 5.53 -27.52 30.79
CA ILE A 488 4.70 -28.70 30.59
C ILE A 488 4.36 -29.26 31.98
N ASN A 489 3.13 -29.73 32.16
CA ASN A 489 2.70 -30.36 33.39
C ASN A 489 1.93 -31.61 33.00
N ARG A 490 2.66 -32.72 32.80
CA ARG A 490 2.05 -34.00 32.42
C ARG A 490 1.08 -34.50 33.48
N PRO A 491 1.39 -34.48 34.82
CA PRO A 491 0.37 -34.90 35.79
C PRO A 491 -0.96 -34.10 35.69
N GLN A 492 -0.90 -32.78 35.36
CA GLN A 492 -2.14 -32.00 35.15
C GLN A 492 -2.93 -32.50 33.93
N ILE A 493 -2.24 -32.88 32.84
CA ILE A 493 -2.91 -33.48 31.69
C ILE A 493 -3.48 -34.87 32.02
N GLY A 494 -2.80 -35.61 32.90
CA GLY A 494 -3.25 -36.92 33.37
C GLY A 494 -4.53 -36.81 34.17
N VAL A 495 -4.63 -35.76 34.99
CA VAL A 495 -5.85 -35.46 35.77
C VAL A 495 -7.02 -35.17 34.81
N VAL A 496 -6.77 -34.43 33.72
CA VAL A 496 -7.77 -34.13 32.70
C VAL A 496 -8.22 -35.41 32.01
N ARG A 497 -7.29 -36.27 31.59
CA ARG A 497 -7.63 -37.53 30.94
C ARG A 497 -8.55 -38.40 31.84
N GLU A 498 -8.27 -38.42 33.15
CA GLU A 498 -9.07 -39.15 34.12
C GLU A 498 -10.48 -38.56 34.25
N PHE A 499 -10.57 -37.24 34.24
CA PHE A 499 -11.85 -36.53 34.30
C PHE A 499 -12.68 -36.81 33.03
N LEU A 500 -12.04 -36.79 31.86
CA LEU A 500 -12.70 -37.04 30.58
C LEU A 500 -13.37 -38.41 30.53
N THR A 501 -12.70 -39.45 31.12
CA THR A 501 -13.30 -40.79 31.13
C THR A 501 -14.61 -40.80 31.94
N ARG A 502 -14.75 -39.94 32.98
CA ARG A 502 -15.94 -39.86 33.83
C ARG A 502 -16.97 -38.80 33.40
N ASN A 503 -16.56 -37.95 32.48
CA ASN A 503 -17.36 -36.85 31.98
C ASN A 503 -17.32 -36.78 30.45
N PRO A 504 -17.84 -37.82 29.77
CA PRO A 504 -17.76 -37.88 28.32
C PRO A 504 -18.37 -36.70 27.54
N ALA A 505 -19.26 -35.90 28.17
CA ALA A 505 -19.78 -34.69 27.48
C ALA A 505 -18.61 -33.71 27.19
N TRP A 506 -17.58 -33.73 28.03
CA TRP A 506 -16.43 -32.87 27.88
C TRP A 506 -15.50 -33.28 26.76
N ARG A 507 -15.84 -34.33 25.97
CA ARG A 507 -15.08 -34.76 24.80
C ARG A 507 -14.98 -33.63 23.77
N LYS A 508 -15.98 -32.76 23.73
CA LYS A 508 -16.08 -31.62 22.82
C LYS A 508 -15.30 -30.35 23.34
N ALA A 509 -14.65 -30.43 24.53
CA ALA A 509 -13.94 -29.31 25.14
C ALA A 509 -12.69 -28.84 24.37
N VAL A 510 -12.36 -27.57 24.56
CA VAL A 510 -11.16 -26.97 24.03
C VAL A 510 -10.19 -26.92 25.19
N PHE A 511 -8.99 -27.46 25.00
CA PHE A 511 -7.95 -27.44 26.01
C PHE A 511 -7.18 -26.10 25.94
N ILE A 512 -7.07 -25.39 27.05
CA ILE A 512 -6.38 -24.11 27.15
C ILE A 512 -5.35 -24.13 28.26
N SER A 513 -4.20 -23.55 27.98
CA SER A 513 -3.14 -23.41 28.97
C SER A 513 -2.30 -22.17 28.64
N PRO A 514 -1.53 -21.63 29.60
CA PRO A 514 -0.67 -20.47 29.28
C PRO A 514 0.57 -20.83 28.43
N TYR A 515 0.76 -22.11 28.03
CA TYR A 515 1.99 -22.54 27.33
C TYR A 515 1.75 -23.40 26.11
N ASN A 516 2.47 -23.13 24.99
CA ASN A 516 2.32 -23.97 23.80
C ASN A 516 2.86 -25.37 24.01
N SER A 517 3.94 -25.54 24.79
CA SER A 517 4.48 -26.90 25.00
C SER A 517 3.49 -27.76 25.78
N GLN A 518 2.80 -27.19 26.78
CA GLN A 518 1.75 -27.89 27.50
C GLN A 518 0.62 -28.30 26.54
N ASN A 519 0.25 -27.39 25.63
CA ASN A 519 -0.78 -27.62 24.61
C ASN A 519 -0.39 -28.71 23.63
N ALA A 520 0.90 -28.79 23.27
CA ALA A 520 1.38 -29.84 22.35
C ALA A 520 1.28 -31.20 23.02
N VAL A 521 1.66 -31.28 24.31
CA VAL A 521 1.54 -32.53 25.07
C VAL A 521 0.05 -32.91 25.20
N ALA A 522 -0.82 -31.94 25.56
CA ALA A 522 -2.25 -32.23 25.70
C ALA A 522 -2.91 -32.65 24.38
N SER A 523 -2.46 -32.11 23.26
CA SER A 523 -3.01 -32.46 21.96
C SER A 523 -2.77 -33.95 21.66
N LYS A 524 -1.56 -34.45 21.94
CA LYS A 524 -1.23 -35.86 21.72
C LYS A 524 -1.95 -36.83 22.72
N ILE A 525 -1.99 -36.48 24.02
CA ILE A 525 -2.59 -37.35 25.03
C ILE A 525 -4.13 -37.31 25.06
N LEU A 526 -4.70 -36.11 24.92
CA LEU A 526 -6.15 -35.92 25.02
C LEU A 526 -6.84 -35.93 23.67
N GLY A 527 -6.17 -35.39 22.65
CA GLY A 527 -6.78 -35.27 21.34
C GLY A 527 -7.76 -34.12 21.26
N LEU A 528 -7.83 -33.25 22.31
CA LEU A 528 -8.73 -32.08 22.31
C LEU A 528 -8.09 -31.01 21.45
N PRO A 529 -8.91 -30.14 20.81
CA PRO A 529 -8.34 -28.94 20.17
C PRO A 529 -7.68 -28.12 21.28
N THR A 530 -6.62 -27.49 20.91
CA THR A 530 -5.73 -26.78 21.81
C THR A 530 -5.71 -25.28 21.48
N GLN A 531 -5.41 -24.47 22.49
CA GLN A 531 -5.37 -23.05 22.35
C GLN A 531 -4.59 -22.47 23.50
N THR A 532 -3.73 -21.46 23.26
CA THR A 532 -3.06 -20.80 24.38
C THR A 532 -4.09 -19.78 24.87
N VAL A 533 -3.90 -19.21 26.07
CA VAL A 533 -4.80 -18.17 26.56
C VAL A 533 -4.79 -16.97 25.62
N ASP A 534 -3.58 -16.55 25.19
CA ASP A 534 -3.38 -15.44 24.28
C ASP A 534 -4.05 -15.68 22.91
N SER A 535 -3.97 -16.90 22.36
CA SER A 535 -4.66 -17.18 21.09
C SER A 535 -6.19 -17.46 21.26
N SER A 536 -6.67 -17.74 22.47
CA SER A 536 -8.11 -17.96 22.71
C SER A 536 -8.89 -16.65 22.79
N GLN A 537 -8.21 -15.52 23.08
CA GLN A 537 -8.83 -14.19 23.25
C GLN A 537 -9.70 -13.82 22.07
N GLY A 538 -10.93 -13.42 22.36
CA GLY A 538 -11.93 -13.10 21.35
C GLY A 538 -12.77 -14.31 20.93
N SER A 539 -12.37 -15.54 21.34
CA SER A 539 -13.08 -16.78 21.01
C SER A 539 -13.96 -17.30 22.17
N GLU A 540 -14.91 -18.20 21.85
CA GLU A 540 -15.78 -18.78 22.85
C GLU A 540 -16.10 -20.21 22.46
N TYR A 541 -16.20 -21.06 23.48
CA TYR A 541 -16.44 -22.49 23.31
C TYR A 541 -17.40 -22.94 24.41
N ASP A 542 -18.16 -24.01 24.17
CA ASP A 542 -19.10 -24.52 25.17
C ASP A 542 -18.35 -25.01 26.41
N TYR A 543 -17.29 -25.76 26.19
CA TYR A 543 -16.50 -26.32 27.29
C TYR A 543 -15.05 -26.02 27.12
N VAL A 544 -14.42 -25.65 28.23
CA VAL A 544 -13.04 -25.31 28.26
C VAL A 544 -12.38 -26.13 29.36
N ILE A 545 -11.21 -26.69 29.06
CA ILE A 545 -10.42 -27.35 30.09
C ILE A 545 -9.13 -26.54 30.18
N PHE A 546 -8.84 -25.99 31.37
CA PHE A 546 -7.67 -25.18 31.59
C PHE A 546 -6.71 -25.80 32.59
N THR A 547 -5.44 -25.94 32.23
CA THR A 547 -4.42 -26.41 33.15
C THR A 547 -3.50 -25.20 33.34
N GLN A 548 -3.40 -24.72 34.58
CA GLN A 548 -2.54 -23.58 34.88
C GLN A 548 -1.06 -23.84 34.53
N THR A 549 -0.64 -25.12 34.56
CA THR A 549 0.70 -25.65 34.20
C THR A 549 1.75 -25.34 35.25
N THR A 550 1.93 -24.04 35.61
CA THR A 550 2.92 -23.57 36.59
C THR A 550 2.31 -22.47 37.47
N GLU A 551 3.10 -22.09 38.49
CA GLU A 551 2.97 -20.93 39.34
C GLU A 551 4.12 -20.03 38.88
N THR A 552 3.84 -19.22 37.91
CA THR A 552 4.73 -18.17 37.42
C THR A 552 3.92 -16.87 37.32
N ALA A 553 4.60 -15.71 37.16
CA ALA A 553 3.93 -14.43 36.93
C ALA A 553 3.07 -14.53 35.63
N HIS A 554 3.57 -15.24 34.63
CA HIS A 554 2.85 -15.44 33.37
C HIS A 554 1.53 -16.24 33.61
N SER A 555 1.60 -17.39 34.29
CA SER A 555 0.41 -18.22 34.50
C SER A 555 -0.53 -17.66 35.56
N CYS A 556 -0.06 -16.73 36.41
CA CYS A 556 -0.88 -16.13 37.46
C CYS A 556 -1.39 -14.76 37.15
N ASN A 557 -1.05 -14.20 35.98
CA ASN A 557 -1.47 -12.88 35.56
C ASN A 557 -3.01 -12.85 35.53
N VAL A 558 -3.64 -11.86 36.22
CA VAL A 558 -5.08 -11.82 36.33
C VAL A 558 -5.78 -11.55 35.02
N ASN A 559 -5.15 -10.84 34.08
CA ASN A 559 -5.76 -10.55 32.77
C ASN A 559 -5.78 -11.83 31.94
N ARG A 560 -4.70 -12.62 32.01
CA ARG A 560 -4.61 -13.90 31.32
C ARG A 560 -5.59 -14.88 31.95
N PHE A 561 -5.70 -14.88 33.28
CA PHE A 561 -6.64 -15.73 33.98
C PHE A 561 -8.07 -15.39 33.62
N ASN A 562 -8.37 -14.09 33.54
CA ASN A 562 -9.65 -13.52 33.14
C ASN A 562 -10.06 -14.06 31.76
N VAL A 563 -9.19 -13.85 30.75
CA VAL A 563 -9.41 -14.33 29.39
C VAL A 563 -9.61 -15.85 29.35
N ALA A 564 -8.73 -16.61 30.04
CA ALA A 564 -8.84 -18.06 30.01
C ALA A 564 -10.22 -18.60 30.44
N ILE A 565 -10.72 -18.14 31.59
CA ILE A 565 -11.96 -18.70 32.13
C ILE A 565 -13.21 -18.13 31.45
N THR A 566 -13.12 -16.93 30.85
CA THR A 566 -14.25 -16.33 30.13
C THR A 566 -14.41 -16.84 28.70
N ARG A 567 -13.65 -17.85 28.26
CA ARG A 567 -13.87 -18.45 26.92
C ARG A 567 -15.10 -19.43 26.96
N ALA A 568 -15.48 -19.90 28.16
CA ALA A 568 -16.53 -20.88 28.34
C ALA A 568 -17.94 -20.33 28.34
N LYS A 569 -18.80 -21.00 27.59
CA LYS A 569 -20.22 -20.69 27.48
C LYS A 569 -21.03 -21.55 28.45
N VAL A 570 -20.62 -22.82 28.65
CA VAL A 570 -21.36 -23.75 29.45
C VAL A 570 -20.58 -24.27 30.66
N GLY A 571 -19.45 -24.90 30.41
CA GLY A 571 -18.63 -25.43 31.48
C GLY A 571 -17.14 -25.18 31.32
N ILE A 572 -16.45 -25.20 32.45
CA ILE A 572 -15.02 -25.10 32.52
C ILE A 572 -14.48 -26.01 33.63
N LEU A 573 -13.32 -26.60 33.39
CA LEU A 573 -12.60 -27.37 34.37
C LEU A 573 -11.26 -26.63 34.51
N CYS A 574 -10.91 -26.14 35.71
CA CYS A 574 -9.64 -25.49 35.94
C CYS A 574 -8.78 -26.35 36.82
N ILE A 575 -7.64 -26.83 36.30
CA ILE A 575 -6.65 -27.57 37.07
C ILE A 575 -5.63 -26.48 37.43
N MET A 576 -5.60 -26.07 38.70
CA MET A 576 -4.84 -24.97 39.25
C MET A 576 -3.58 -25.33 39.98
N SER A 577 -2.60 -24.46 39.85
CA SER A 577 -1.30 -24.56 40.51
C SER A 577 -1.20 -23.52 41.64
N ASP A 578 -1.83 -22.35 41.45
CA ASP A 578 -1.81 -21.22 42.35
C ASP A 578 -2.98 -21.26 43.28
N ARG A 579 -2.69 -21.21 44.60
CA ARG A 579 -3.68 -21.24 45.66
C ARG A 579 -4.65 -20.05 45.62
N ASP A 580 -4.11 -18.85 45.48
CA ASP A 580 -4.84 -17.58 45.41
C ASP A 580 -5.94 -17.64 44.33
N LEU A 581 -5.54 -17.93 43.06
CA LEU A 581 -6.47 -17.98 41.97
C LEU A 581 -7.46 -19.13 42.10
N TYR A 582 -6.99 -20.29 42.61
CA TYR A 582 -7.85 -21.44 42.86
C TYR A 582 -8.97 -21.05 43.86
N ASP A 583 -8.58 -20.40 44.98
CA ASP A 583 -9.53 -19.99 46.00
C ASP A 583 -10.50 -18.95 45.49
N LYS A 584 -10.07 -18.09 44.58
CA LYS A 584 -10.93 -17.08 43.97
C LYS A 584 -11.95 -17.68 42.99
N LEU A 585 -11.70 -18.87 42.40
CA LEU A 585 -12.66 -19.48 41.50
C LEU A 585 -13.93 -19.90 42.29
N GLN A 586 -15.09 -19.34 41.90
CA GLN A 586 -16.36 -19.64 42.55
C GLN A 586 -16.94 -20.85 41.85
N PHE A 587 -16.17 -21.96 41.83
CA PHE A 587 -16.48 -23.21 41.15
C PHE A 587 -16.63 -24.33 42.17
N THR A 588 -17.21 -25.45 41.74
CA THR A 588 -17.30 -26.65 42.53
C THR A 588 -15.89 -27.30 42.52
N SER A 589 -15.36 -27.59 43.69
CA SER A 589 -14.08 -28.21 43.81
C SER A 589 -14.21 -29.72 43.65
N LEU A 590 -13.26 -30.29 42.94
CA LEU A 590 -13.17 -31.72 42.73
C LEU A 590 -12.02 -32.30 43.60
N GLU A 591 -12.15 -33.56 43.98
CA GLU A 591 -11.11 -34.23 44.77
C GLU A 591 -10.24 -35.09 43.86
N ILE A 592 -9.01 -35.45 44.36
CA ILE A 592 -7.90 -36.34 43.90
C ILE A 592 -6.54 -35.67 44.17
N VAL B 2 -22.58 14.26 -1.40
CA VAL B 2 -22.70 15.67 -1.78
C VAL B 2 -21.39 16.24 -2.40
N GLY B 3 -21.50 16.96 -3.52
CA GLY B 3 -20.36 17.53 -4.23
C GLY B 3 -20.72 18.53 -5.33
N ALA B 4 -19.74 18.89 -6.19
CA ALA B 4 -19.94 19.86 -7.29
C ALA B 4 -20.22 19.16 -8.64
N CYS B 5 -21.20 19.69 -9.39
CA CYS B 5 -21.64 19.21 -10.69
C CYS B 5 -20.49 19.18 -11.70
N VAL B 6 -20.20 18.02 -12.32
CA VAL B 6 -19.06 17.90 -13.22
C VAL B 6 -19.16 18.80 -14.44
N LEU B 7 -20.38 19.09 -14.98
CA LEU B 7 -20.51 19.94 -16.17
C LEU B 7 -20.51 21.46 -15.83
N CYS B 8 -21.43 21.91 -14.98
CA CYS B 8 -21.60 23.34 -14.70
C CYS B 8 -21.00 23.81 -13.36
N ASN B 9 -20.67 22.88 -12.41
CA ASN B 9 -20.06 23.11 -11.07
C ASN B 9 -21.06 23.34 -9.92
N SER B 10 -22.39 23.46 -10.18
CA SER B 10 -23.40 23.71 -9.11
C SER B 10 -23.40 22.63 -8.03
N GLN B 11 -23.55 23.00 -6.75
CA GLN B 11 -23.56 22.05 -5.62
C GLN B 11 -24.73 21.09 -5.80
N THR B 12 -24.58 19.82 -5.40
CA THR B 12 -25.63 18.81 -5.59
C THR B 12 -25.54 17.66 -4.59
N SER B 13 -26.68 17.00 -4.38
CA SER B 13 -26.82 15.75 -3.66
C SER B 13 -27.00 14.60 -4.70
N LEU B 14 -26.86 14.86 -6.04
CA LEU B 14 -27.05 13.83 -7.07
C LEU B 14 -25.79 13.37 -7.77
N ARG B 15 -25.69 12.06 -7.96
CA ARG B 15 -24.68 11.36 -8.73
C ARG B 15 -25.40 10.37 -9.67
N CYS B 16 -24.89 10.22 -10.92
CA CYS B 16 -25.48 9.20 -11.78
C CYS B 16 -24.98 7.86 -11.36
N GLY B 17 -25.91 6.93 -11.13
CA GLY B 17 -25.61 5.55 -10.74
C GLY B 17 -25.31 4.64 -11.90
N ALA B 18 -25.79 4.98 -13.10
CA ALA B 18 -25.51 4.14 -14.29
C ALA B 18 -24.09 4.38 -14.83
N CYS B 19 -23.53 5.58 -14.52
CA CYS B 19 -22.15 5.94 -14.75
C CYS B 19 -21.36 5.08 -13.78
N ILE B 20 -20.26 4.48 -14.28
CA ILE B 20 -19.46 3.59 -13.45
C ILE B 20 -18.72 4.35 -12.35
N ARG B 21 -18.45 5.65 -12.56
CA ARG B 21 -17.73 6.48 -11.57
C ARG B 21 -18.63 7.36 -10.70
N ARG B 22 -19.98 7.30 -10.93
CA ARG B 22 -20.98 8.07 -10.19
C ARG B 22 -20.65 9.56 -10.09
N PRO B 23 -20.59 10.23 -11.25
CA PRO B 23 -20.26 11.66 -11.25
C PRO B 23 -21.34 12.53 -10.65
N PHE B 24 -20.95 13.64 -9.99
CA PHE B 24 -21.91 14.58 -9.46
C PHE B 24 -22.54 15.35 -10.61
N LEU B 25 -23.87 15.44 -10.57
CA LEU B 25 -24.61 16.15 -11.58
C LEU B 25 -25.67 16.99 -10.86
N CYS B 26 -25.73 18.32 -11.12
CA CYS B 26 -26.75 19.14 -10.46
C CYS B 26 -28.17 18.72 -10.95
N CYS B 27 -29.25 19.21 -10.29
CA CYS B 27 -30.61 18.87 -10.68
C CYS B 27 -30.87 19.04 -12.19
N LYS B 28 -30.45 20.20 -12.79
CA LYS B 28 -30.64 20.47 -14.24
C LYS B 28 -29.78 19.55 -15.14
N CYS B 29 -28.47 19.33 -14.81
CA CYS B 29 -27.55 18.47 -15.58
C CYS B 29 -27.81 16.95 -15.40
N CYS B 30 -28.19 16.53 -14.21
CA CYS B 30 -28.60 15.16 -13.90
C CYS B 30 -29.84 14.82 -14.79
N TYR B 31 -30.87 15.72 -14.82
CA TYR B 31 -32.07 15.53 -15.62
C TYR B 31 -31.71 15.43 -17.09
N ASP B 32 -30.93 16.39 -17.63
CA ASP B 32 -30.57 16.36 -19.05
C ASP B 32 -29.75 15.11 -19.41
N HIS B 33 -29.01 14.51 -18.45
CA HIS B 33 -28.24 13.27 -18.65
C HIS B 33 -29.17 12.07 -18.70
N VAL B 34 -30.09 11.94 -17.70
CA VAL B 34 -31.02 10.82 -17.68
C VAL B 34 -32.00 10.86 -18.84
N ILE B 35 -32.46 12.05 -19.29
CA ILE B 35 -33.44 12.07 -20.40
C ILE B 35 -32.80 11.78 -21.75
N SER B 36 -31.50 12.07 -21.91
CA SER B 36 -30.81 11.88 -23.19
C SER B 36 -30.06 10.56 -23.31
N THR B 37 -29.93 9.78 -22.21
CA THR B 37 -29.20 8.50 -22.27
C THR B 37 -30.04 7.31 -21.71
N SER B 38 -29.50 6.07 -21.76
CA SER B 38 -30.06 4.90 -21.13
C SER B 38 -29.81 4.92 -19.59
N HIS B 39 -29.06 5.90 -19.08
CA HIS B 39 -28.71 6.04 -17.67
C HIS B 39 -29.89 6.59 -16.90
N LYS B 40 -30.58 5.74 -16.11
CA LYS B 40 -31.74 6.21 -15.37
C LYS B 40 -31.62 6.05 -13.88
N LEU B 41 -30.55 5.42 -13.36
CA LEU B 41 -30.38 5.28 -11.93
C LEU B 41 -29.72 6.55 -11.37
N VAL B 42 -30.39 7.21 -10.42
CA VAL B 42 -29.82 8.38 -9.75
C VAL B 42 -29.51 8.00 -8.30
N LEU B 43 -28.34 8.41 -7.82
CA LEU B 43 -27.90 8.15 -6.46
C LEU B 43 -27.81 9.45 -5.68
N SER B 44 -28.46 9.50 -4.52
CA SER B 44 -28.32 10.66 -3.64
C SER B 44 -27.67 10.11 -2.34
N VAL B 45 -28.24 10.40 -1.14
CA VAL B 45 -27.78 9.82 0.12
C VAL B 45 -28.01 8.30 0.04
N ASN B 46 -29.20 7.94 -0.46
CA ASN B 46 -29.64 6.59 -0.77
C ASN B 46 -29.99 6.56 -2.28
N PRO B 47 -30.00 5.38 -2.92
CA PRO B 47 -30.36 5.35 -4.35
C PRO B 47 -31.84 5.67 -4.55
N TYR B 48 -32.15 6.36 -5.65
CA TYR B 48 -33.53 6.67 -6.00
C TYR B 48 -34.03 5.41 -6.67
N VAL B 49 -34.56 4.49 -5.88
CA VAL B 49 -35.07 3.21 -6.34
C VAL B 49 -36.37 2.95 -5.61
N CYS B 50 -37.28 2.12 -6.18
CA CYS B 50 -38.51 1.80 -5.48
C CYS B 50 -38.21 0.96 -4.25
N ASN B 51 -38.55 1.52 -3.07
CA ASN B 51 -38.32 0.91 -1.76
C ASN B 51 -39.39 -0.14 -1.40
N ALA B 52 -40.34 -0.48 -2.33
CA ALA B 52 -41.39 -1.49 -2.10
C ALA B 52 -40.79 -2.88 -2.28
N PRO B 53 -41.21 -3.84 -1.41
CA PRO B 53 -40.64 -5.21 -1.51
C PRO B 53 -40.79 -5.90 -2.87
N GLY B 54 -39.67 -6.41 -3.40
CA GLY B 54 -39.65 -7.13 -4.67
C GLY B 54 -39.80 -6.29 -5.92
N CYS B 55 -39.85 -4.95 -5.80
CA CYS B 55 -40.02 -4.08 -6.96
C CYS B 55 -38.69 -3.69 -7.60
N ASP B 56 -38.62 -3.83 -8.92
CA ASP B 56 -37.40 -3.57 -9.68
C ASP B 56 -37.33 -2.19 -10.34
N VAL B 57 -38.22 -1.24 -9.96
CA VAL B 57 -38.19 0.08 -10.59
C VAL B 57 -37.05 0.89 -10.03
N THR B 58 -36.09 1.21 -10.89
CA THR B 58 -34.89 1.99 -10.61
C THR B 58 -34.84 3.26 -11.48
N ASP B 59 -35.68 3.36 -12.53
CA ASP B 59 -35.72 4.47 -13.46
C ASP B 59 -36.27 5.71 -12.75
N VAL B 60 -35.42 6.76 -12.60
CA VAL B 60 -35.72 8.03 -11.94
C VAL B 60 -37.02 8.70 -12.46
N THR B 61 -37.28 8.58 -13.77
CA THR B 61 -38.46 9.16 -14.43
C THR B 61 -39.78 8.45 -14.03
N GLN B 62 -39.70 7.20 -13.54
CA GLN B 62 -40.82 6.39 -13.09
C GLN B 62 -40.95 6.38 -11.55
N LEU B 63 -40.22 7.26 -10.84
CA LEU B 63 -40.20 7.26 -9.39
C LEU B 63 -40.72 8.54 -8.75
N TYR B 64 -41.13 8.41 -7.47
CA TYR B 64 -41.79 9.43 -6.67
C TYR B 64 -41.27 9.44 -5.23
N LEU B 65 -41.26 10.60 -4.57
CA LEU B 65 -40.93 10.66 -3.15
C LEU B 65 -42.22 10.57 -2.32
N GLY B 66 -42.60 9.34 -2.02
CA GLY B 66 -43.79 9.09 -1.23
C GLY B 66 -43.46 9.01 0.24
N GLY B 67 -43.83 10.04 0.97
CA GLY B 67 -43.55 10.10 2.40
C GLY B 67 -42.10 10.33 2.70
N MET B 68 -41.38 9.26 3.08
CA MET B 68 -39.95 9.34 3.40
C MET B 68 -39.05 8.46 2.52
N SER B 69 -39.66 7.66 1.64
CA SER B 69 -38.93 6.76 0.74
C SER B 69 -39.40 6.93 -0.73
N TYR B 70 -38.67 6.34 -1.69
CA TYR B 70 -38.99 6.47 -3.13
C TYR B 70 -39.78 5.28 -3.60
N TYR B 71 -40.84 5.50 -4.39
CA TYR B 71 -41.68 4.43 -4.93
C TYR B 71 -42.03 4.67 -6.39
N CYS B 72 -42.37 3.62 -7.13
CA CYS B 72 -42.79 3.77 -8.52
C CYS B 72 -44.27 4.25 -8.60
N LYS B 73 -44.87 4.31 -9.82
CA LYS B 73 -46.27 4.70 -10.00
C LYS B 73 -47.20 3.68 -9.32
N SER B 74 -46.86 2.37 -9.37
CA SER B 74 -47.62 1.25 -8.79
C SER B 74 -47.56 1.12 -7.26
N HIS B 75 -46.47 1.55 -6.62
CA HIS B 75 -46.31 1.39 -5.17
C HIS B 75 -46.30 2.68 -4.38
N LYS B 76 -46.66 3.81 -5.02
CA LYS B 76 -46.61 5.09 -4.35
C LYS B 76 -47.82 5.37 -3.46
N PRO B 77 -47.59 6.02 -2.30
CA PRO B 77 -48.72 6.41 -1.44
C PRO B 77 -49.52 7.59 -2.07
N PRO B 78 -50.77 7.86 -1.64
CA PRO B 78 -51.53 8.98 -2.21
C PRO B 78 -50.78 10.32 -2.18
N ILE B 79 -50.00 10.56 -1.12
CA ILE B 79 -49.21 11.78 -1.02
C ILE B 79 -47.75 11.52 -1.44
N SER B 80 -47.40 12.03 -2.64
CA SER B 80 -46.06 11.88 -3.22
C SER B 80 -45.81 12.93 -4.31
N PHE B 81 -44.53 13.18 -4.63
CA PHE B 81 -44.17 14.06 -5.75
C PHE B 81 -43.16 13.35 -6.70
N PRO B 82 -43.31 13.52 -8.03
CA PRO B 82 -42.39 12.82 -8.94
C PRO B 82 -40.97 13.31 -8.76
N LEU B 83 -40.00 12.41 -8.94
CA LEU B 83 -38.59 12.80 -8.87
C LEU B 83 -38.17 13.71 -10.08
N CYS B 84 -38.84 13.56 -11.24
CA CYS B 84 -38.55 14.43 -12.38
C CYS B 84 -39.68 15.43 -12.63
N ALA B 85 -39.32 16.72 -12.60
CA ALA B 85 -40.21 17.83 -12.83
C ALA B 85 -39.40 19.07 -13.18
N ASN B 86 -40.00 19.91 -14.04
CA ASN B 86 -39.46 21.21 -14.48
C ASN B 86 -37.97 21.12 -14.96
N GLY B 87 -37.62 20.10 -15.79
CA GLY B 87 -36.25 19.95 -16.32
C GLY B 87 -35.16 19.67 -15.29
N GLN B 88 -35.60 19.14 -14.14
CA GLN B 88 -34.73 18.83 -13.03
C GLN B 88 -35.06 17.52 -12.36
N VAL B 89 -34.04 16.90 -11.78
CA VAL B 89 -34.22 15.71 -10.96
C VAL B 89 -34.18 16.24 -9.52
N PHE B 90 -35.18 15.86 -8.69
CA PHE B 90 -35.29 16.31 -7.31
C PHE B 90 -34.06 15.94 -6.53
N GLY B 91 -33.49 16.92 -5.87
CA GLY B 91 -32.33 16.71 -5.03
C GLY B 91 -32.10 17.89 -4.14
N LEU B 92 -31.20 17.71 -3.18
CA LEU B 92 -30.81 18.81 -2.30
C LEU B 92 -30.10 19.90 -3.13
N TYR B 93 -30.19 21.16 -2.69
CA TYR B 93 -29.53 22.30 -3.33
C TYR B 93 -30.05 22.60 -4.76
N LYS B 94 -31.37 22.35 -5.00
CA LYS B 94 -32.07 22.65 -6.27
C LYS B 94 -32.18 24.17 -6.52
N ASN B 95 -32.06 24.96 -5.42
CA ASN B 95 -32.02 26.42 -5.33
C ASN B 95 -30.67 26.85 -6.01
N THR B 96 -29.54 26.26 -5.52
CA THR B 96 -28.18 26.42 -6.04
C THR B 96 -28.06 25.50 -7.30
N CYS B 97 -28.56 25.96 -8.47
CA CYS B 97 -28.54 25.20 -9.73
C CYS B 97 -28.26 26.15 -10.92
N VAL B 98 -27.44 25.70 -11.89
CA VAL B 98 -27.09 26.50 -13.07
C VAL B 98 -27.36 25.75 -14.40
N GLY B 99 -26.95 24.48 -14.49
CA GLY B 99 -27.17 23.66 -15.68
C GLY B 99 -26.25 23.98 -16.85
N SER B 100 -26.36 23.21 -17.95
CA SER B 100 -25.50 23.43 -19.11
C SER B 100 -26.26 23.68 -20.42
N ASP B 101 -25.64 24.41 -21.38
CA ASP B 101 -26.22 24.67 -22.71
C ASP B 101 -26.52 23.32 -23.41
N ASN B 102 -25.53 22.41 -23.33
CA ASN B 102 -25.56 21.05 -23.84
C ASN B 102 -24.79 20.14 -22.86
N VAL B 103 -25.20 18.88 -22.78
CA VAL B 103 -24.50 17.87 -21.97
C VAL B 103 -23.92 16.76 -22.90
N THR B 104 -23.79 17.08 -24.22
CA THR B 104 -23.41 16.18 -25.29
C THR B 104 -22.03 15.56 -25.08
N ASP B 105 -21.04 16.36 -24.62
CA ASP B 105 -19.69 15.83 -24.35
C ASP B 105 -19.70 14.86 -23.13
N PHE B 106 -20.33 15.25 -22.01
CA PHE B 106 -20.44 14.42 -20.82
C PHE B 106 -21.14 13.07 -21.13
N ASN B 107 -22.25 13.11 -21.89
CA ASN B 107 -23.01 11.90 -22.24
C ASN B 107 -22.14 10.91 -23.00
N ALA B 108 -21.34 11.39 -23.97
CA ALA B 108 -20.45 10.56 -24.79
C ALA B 108 -19.34 9.91 -23.93
N ILE B 109 -18.79 10.62 -22.95
CA ILE B 109 -17.78 10.06 -22.06
C ILE B 109 -18.40 9.03 -21.12
N ALA B 110 -19.58 9.33 -20.59
CA ALA B 110 -20.31 8.48 -19.65
C ALA B 110 -20.80 7.17 -20.29
N THR B 111 -21.04 7.15 -21.63
CA THR B 111 -21.62 5.97 -22.29
C THR B 111 -20.72 5.26 -23.33
N CYS B 112 -19.58 5.86 -23.72
CA CYS B 112 -18.71 5.24 -24.72
C CYS B 112 -18.03 3.99 -24.14
N ASP B 113 -17.63 3.07 -25.02
CA ASP B 113 -16.98 1.84 -24.56
C ASP B 113 -15.43 1.92 -24.60
N TRP B 114 -14.87 3.07 -25.04
CA TRP B 114 -13.43 3.36 -25.11
C TRP B 114 -12.69 2.51 -26.15
N THR B 115 -13.40 1.95 -27.16
CA THR B 115 -12.74 1.15 -28.20
C THR B 115 -12.31 2.01 -29.41
N ASN B 116 -12.84 3.24 -29.52
CA ASN B 116 -12.57 4.16 -30.64
C ASN B 116 -11.65 5.27 -30.24
N ALA B 117 -10.82 5.75 -31.18
CA ALA B 117 -9.87 6.84 -30.95
C ALA B 117 -10.59 8.15 -30.62
N GLY B 118 -11.78 8.35 -31.21
CA GLY B 118 -12.63 9.52 -30.97
C GLY B 118 -13.03 9.69 -29.51
N ASP B 119 -13.07 8.58 -28.76
CA ASP B 119 -13.37 8.59 -27.34
C ASP B 119 -12.22 9.25 -26.55
N TYR B 120 -10.97 8.95 -26.96
CA TYR B 120 -9.77 9.48 -26.34
C TYR B 120 -9.52 10.92 -26.78
N ILE B 121 -9.94 11.28 -28.03
CA ILE B 121 -9.84 12.62 -28.55
C ILE B 121 -10.74 13.53 -27.71
N LEU B 122 -11.99 13.10 -27.48
CA LEU B 122 -12.93 13.85 -26.68
C LEU B 122 -12.41 13.99 -25.23
N ALA B 123 -11.89 12.91 -24.64
CA ALA B 123 -11.35 12.90 -23.27
C ALA B 123 -10.19 13.91 -23.07
N ASN B 124 -9.60 14.40 -24.16
CA ASN B 124 -8.50 15.34 -24.08
C ASN B 124 -8.85 16.73 -24.62
N THR B 125 -9.94 16.87 -25.38
CA THR B 125 -10.34 18.18 -25.90
C THR B 125 -11.51 18.80 -25.09
N CYS B 126 -12.02 18.12 -24.08
CA CYS B 126 -13.14 18.60 -23.26
C CYS B 126 -12.66 19.54 -22.12
N THR B 127 -13.58 19.99 -21.24
CA THR B 127 -13.20 20.82 -20.10
C THR B 127 -12.30 20.03 -19.14
N GLU B 128 -11.60 20.74 -18.23
CA GLU B 128 -10.72 20.09 -17.26
C GLU B 128 -11.49 19.10 -16.38
N ARG B 129 -12.68 19.49 -15.87
CA ARG B 129 -13.49 18.59 -15.02
C ARG B 129 -13.90 17.29 -15.78
N LEU B 130 -14.20 17.42 -17.08
CA LEU B 130 -14.54 16.26 -17.89
C LEU B 130 -13.34 15.41 -18.24
N LYS B 131 -12.13 16.00 -18.24
CA LYS B 131 -10.90 15.26 -18.46
C LYS B 131 -10.70 14.27 -17.30
N LEU B 132 -11.02 14.69 -16.07
CA LEU B 132 -10.89 13.84 -14.89
C LEU B 132 -11.94 12.77 -14.90
N PHE B 133 -13.20 13.13 -15.25
CA PHE B 133 -14.30 12.19 -15.35
C PHE B 133 -13.96 11.14 -16.40
N ALA B 134 -13.50 11.56 -17.60
CA ALA B 134 -13.09 10.63 -18.66
C ALA B 134 -11.91 9.73 -18.23
N ALA B 135 -10.89 10.28 -17.54
CA ALA B 135 -9.74 9.50 -17.10
C ALA B 135 -10.13 8.43 -16.10
N GLU B 136 -10.93 8.79 -15.08
CA GLU B 136 -11.46 7.85 -14.08
C GLU B 136 -12.33 6.76 -14.73
N THR B 137 -13.23 7.15 -15.64
CA THR B 137 -14.19 6.26 -16.29
C THR B 137 -13.46 5.28 -17.20
N LEU B 138 -12.50 5.80 -17.99
CA LEU B 138 -11.65 5.02 -18.88
C LEU B 138 -10.85 4.01 -18.05
N LYS B 139 -10.17 4.46 -16.99
CA LYS B 139 -9.35 3.57 -16.17
C LYS B 139 -10.17 2.48 -15.48
N ALA B 140 -11.34 2.81 -14.96
CA ALA B 140 -12.19 1.80 -14.34
C ALA B 140 -12.68 0.81 -15.41
N THR B 141 -12.97 1.29 -16.65
CA THR B 141 -13.41 0.41 -17.77
C THR B 141 -12.30 -0.54 -18.17
N GLU B 142 -11.06 -0.06 -18.19
CA GLU B 142 -9.88 -0.85 -18.50
C GLU B 142 -9.67 -1.95 -17.45
N GLU B 143 -9.80 -1.64 -16.13
CA GLU B 143 -9.60 -2.63 -15.03
C GLU B 143 -10.70 -3.68 -15.02
N THR B 144 -11.96 -3.24 -15.23
CA THR B 144 -13.15 -4.11 -15.31
C THR B 144 -13.02 -5.07 -16.50
N PHE B 145 -12.46 -4.55 -17.59
CA PHE B 145 -12.24 -5.34 -18.78
C PHE B 145 -11.30 -6.50 -18.54
N LYS B 146 -10.29 -6.33 -17.67
CA LYS B 146 -9.38 -7.42 -17.35
C LYS B 146 -10.11 -8.61 -16.73
N LEU B 147 -11.23 -8.38 -16.01
CA LEU B 147 -12.08 -9.41 -15.41
C LEU B 147 -12.89 -10.21 -16.44
N SER B 148 -13.02 -9.69 -17.66
CA SER B 148 -13.73 -10.39 -18.74
C SER B 148 -12.94 -11.62 -19.21
N TYR B 149 -11.61 -11.60 -19.07
CA TYR B 149 -10.73 -12.65 -19.52
C TYR B 149 -10.81 -13.91 -18.65
N GLY B 150 -10.63 -15.06 -19.31
CA GLY B 150 -10.66 -16.35 -18.65
C GLY B 150 -9.41 -16.64 -17.87
N ILE B 151 -9.54 -17.46 -16.83
CA ILE B 151 -8.42 -17.92 -16.00
C ILE B 151 -7.59 -18.93 -16.79
N ALA B 152 -6.24 -18.85 -16.68
CA ALA B 152 -5.29 -19.78 -17.30
C ALA B 152 -4.80 -20.73 -16.17
N THR B 153 -4.85 -22.05 -16.37
CA THR B 153 -4.44 -22.99 -15.35
C THR B 153 -3.32 -23.88 -15.86
N VAL B 154 -2.28 -24.12 -15.03
CA VAL B 154 -1.18 -25.02 -15.37
C VAL B 154 -1.70 -26.47 -15.49
N ARG B 155 -1.77 -26.99 -16.75
CA ARG B 155 -2.19 -28.36 -17.06
C ARG B 155 -1.00 -29.29 -16.76
N GLU B 156 0.21 -28.91 -17.26
CA GLU B 156 1.44 -29.66 -17.06
C GLU B 156 2.66 -28.75 -17.17
N VAL B 157 3.62 -28.87 -16.24
CA VAL B 157 4.84 -28.06 -16.31
C VAL B 157 5.78 -28.81 -17.27
N LEU B 158 5.65 -28.51 -18.59
CA LEU B 158 6.37 -29.16 -19.68
C LEU B 158 7.88 -29.20 -19.44
N SER B 159 8.41 -28.08 -19.00
CA SER B 159 9.82 -27.96 -18.70
C SER B 159 10.01 -26.66 -17.87
N ASP B 160 11.26 -26.20 -17.69
CA ASP B 160 11.51 -24.92 -17.05
C ASP B 160 11.23 -23.85 -18.14
N ARG B 161 10.77 -22.66 -17.72
CA ARG B 161 10.43 -21.58 -18.65
C ARG B 161 9.26 -21.93 -19.61
N GLU B 162 8.77 -23.18 -19.61
CA GLU B 162 7.67 -23.57 -20.48
C GLU B 162 6.56 -24.33 -19.74
N LEU B 163 5.30 -24.03 -20.14
CA LEU B 163 4.07 -24.54 -19.54
C LEU B 163 3.02 -24.99 -20.57
N HIS B 164 2.06 -25.78 -20.09
CA HIS B 164 0.90 -26.20 -20.86
C HIS B 164 -0.26 -25.54 -20.13
N LEU B 165 -0.97 -24.60 -20.80
CA LEU B 165 -2.09 -23.94 -20.11
C LEU B 165 -3.48 -24.45 -20.54
N SER B 166 -4.38 -24.55 -19.56
CA SER B 166 -5.76 -24.95 -19.74
C SER B 166 -6.60 -23.69 -19.46
N TRP B 167 -7.42 -23.25 -20.43
CA TRP B 167 -8.16 -22.00 -20.28
C TRP B 167 -9.59 -22.18 -19.81
N GLU B 168 -10.14 -21.12 -19.23
CA GLU B 168 -11.51 -21.13 -18.77
C GLU B 168 -12.44 -21.07 -19.99
N VAL B 169 -13.43 -21.98 -20.05
CA VAL B 169 -14.36 -22.02 -21.17
C VAL B 169 -15.43 -20.93 -21.02
N GLY B 170 -15.86 -20.38 -22.14
CA GLY B 170 -16.89 -19.34 -22.13
C GLY B 170 -16.37 -17.93 -21.96
N LYS B 171 -15.12 -17.80 -21.49
CA LYS B 171 -14.51 -16.49 -21.31
C LYS B 171 -13.36 -16.33 -22.32
N PRO B 172 -13.20 -15.15 -22.98
CA PRO B 172 -12.11 -15.02 -23.97
C PRO B 172 -10.71 -15.08 -23.33
N ARG B 173 -9.69 -15.39 -24.13
CA ARG B 173 -8.32 -15.47 -23.63
C ARG B 173 -7.58 -14.18 -23.97
N PRO B 174 -6.88 -13.62 -23.00
CA PRO B 174 -6.13 -12.40 -23.28
C PRO B 174 -4.97 -12.61 -24.23
N PRO B 175 -4.61 -11.58 -25.01
CA PRO B 175 -3.44 -11.71 -25.90
C PRO B 175 -2.18 -12.06 -25.08
N LEU B 176 -1.33 -12.96 -25.60
CA LEU B 176 -0.15 -13.38 -24.84
C LEU B 176 1.13 -12.63 -25.22
N ASN B 177 1.21 -11.37 -24.74
CA ASN B 177 2.33 -10.44 -24.94
C ASN B 177 2.78 -9.76 -23.61
N ARG B 178 3.83 -8.90 -23.65
CA ARG B 178 4.40 -8.27 -22.45
C ARG B 178 3.48 -7.25 -21.77
N ASN B 179 2.52 -6.67 -22.53
CA ASN B 179 1.52 -5.73 -21.98
C ASN B 179 0.55 -6.43 -21.04
N TYR B 180 0.26 -7.71 -21.31
CA TYR B 180 -0.65 -8.48 -20.48
C TYR B 180 0.11 -9.17 -19.35
N VAL B 181 0.08 -8.56 -18.13
CA VAL B 181 0.78 -9.07 -16.95
C VAL B 181 -0.17 -9.80 -15.97
N PHE B 182 0.10 -11.08 -15.75
CA PHE B 182 -0.67 -11.99 -14.91
C PHE B 182 -0.12 -12.08 -13.52
N THR B 183 -0.93 -12.59 -12.60
CA THR B 183 -0.56 -12.87 -11.24
C THR B 183 -0.87 -14.34 -11.05
N GLY B 184 0.08 -15.08 -10.56
CA GLY B 184 -0.09 -16.50 -10.30
C GLY B 184 -0.58 -16.77 -8.90
N TYR B 185 -1.28 -17.89 -8.70
CA TYR B 185 -1.85 -18.28 -7.40
C TYR B 185 -1.78 -19.79 -7.18
N ARG B 186 -1.60 -20.23 -5.91
CA ARG B 186 -1.59 -21.66 -5.55
C ARG B 186 -2.88 -22.04 -4.76
N VAL B 187 -3.60 -23.08 -5.20
CA VAL B 187 -4.88 -23.53 -4.62
C VAL B 187 -4.75 -24.14 -3.23
N THR B 188 -4.82 -23.29 -2.16
CA THR B 188 -4.73 -23.79 -0.77
C THR B 188 -6.10 -24.30 -0.28
N LYS B 189 -6.09 -25.10 0.80
CA LYS B 189 -7.26 -25.73 1.41
C LYS B 189 -8.57 -24.92 1.32
N ASN B 190 -8.55 -23.65 1.75
CA ASN B 190 -9.76 -22.82 1.73
C ASN B 190 -9.61 -21.46 1.05
N SER B 191 -8.42 -21.15 0.51
CA SER B 191 -8.21 -19.87 -0.17
C SER B 191 -7.12 -19.99 -1.28
N LYS B 192 -6.48 -18.88 -1.69
CA LYS B 192 -5.42 -18.90 -2.70
C LYS B 192 -4.28 -17.95 -2.29
N VAL B 193 -3.03 -18.37 -2.55
CA VAL B 193 -1.89 -17.53 -2.17
C VAL B 193 -1.12 -17.04 -3.41
N GLN B 194 -0.86 -15.70 -3.48
CA GLN B 194 -0.14 -15.04 -4.58
C GLN B 194 1.23 -15.68 -4.75
N ILE B 195 1.63 -15.88 -5.99
CA ILE B 195 2.88 -16.54 -6.30
C ILE B 195 3.82 -15.66 -7.20
N GLY B 196 3.48 -14.38 -7.37
CA GLY B 196 4.26 -13.43 -8.15
C GLY B 196 3.63 -13.04 -9.48
N GLU B 197 4.25 -12.10 -10.22
CA GLU B 197 3.70 -11.68 -11.52
C GLU B 197 4.35 -12.44 -12.69
N TYR B 198 3.58 -12.69 -13.77
CA TYR B 198 4.01 -13.50 -14.91
C TYR B 198 3.55 -12.97 -16.26
N THR B 199 4.39 -13.04 -17.28
CA THR B 199 3.99 -12.72 -18.63
C THR B 199 4.15 -13.99 -19.47
N PHE B 200 3.36 -14.10 -20.54
CA PHE B 200 3.40 -15.27 -21.41
C PHE B 200 3.61 -14.93 -22.89
N GLU B 201 4.03 -15.96 -23.65
CA GLU B 201 4.29 -15.90 -25.08
C GLU B 201 4.21 -17.33 -25.66
N LYS B 202 3.66 -17.51 -26.86
CA LYS B 202 3.53 -18.83 -27.51
C LYS B 202 4.90 -19.49 -27.73
N GLY B 203 4.95 -20.82 -27.63
CA GLY B 203 6.19 -21.59 -27.82
C GLY B 203 6.20 -22.40 -29.10
N ALA B 208 0.97 -24.60 -25.09
CA ALA B 208 2.42 -24.70 -25.13
C ALA B 208 3.03 -23.29 -25.06
N VAL B 209 3.03 -22.71 -23.87
CA VAL B 209 3.51 -21.35 -23.61
C VAL B 209 4.87 -21.25 -22.96
N VAL B 210 5.53 -20.11 -23.17
CA VAL B 210 6.80 -19.71 -22.57
C VAL B 210 6.45 -18.67 -21.51
N TYR B 211 6.97 -18.82 -20.27
CA TYR B 211 6.66 -17.85 -19.21
C TYR B 211 7.84 -17.07 -18.69
N ARG B 212 7.59 -15.83 -18.35
CA ARG B 212 8.58 -14.97 -17.74
C ARG B 212 8.02 -14.51 -16.40
N GLY B 213 8.56 -15.09 -15.33
CA GLY B 213 8.11 -14.76 -14.00
C GLY B 213 8.98 -13.74 -13.33
N THR B 214 8.34 -12.80 -12.59
CA THR B 214 9.03 -11.78 -11.80
C THR B 214 9.87 -12.50 -10.73
N THR B 215 9.25 -13.47 -10.06
CA THR B 215 9.95 -14.28 -9.08
C THR B 215 10.33 -15.64 -9.69
N THR B 216 11.37 -16.26 -9.12
CA THR B 216 11.79 -17.57 -9.55
C THR B 216 11.08 -18.62 -8.69
N TYR B 217 10.33 -19.51 -9.34
CA TYR B 217 9.56 -20.54 -8.68
C TYR B 217 9.63 -21.84 -9.45
N LYS B 218 9.45 -22.96 -8.76
CA LYS B 218 9.39 -24.25 -9.42
C LYS B 218 7.90 -24.61 -9.52
N LEU B 219 7.07 -23.65 -10.04
CA LEU B 219 5.61 -23.76 -10.15
C LEU B 219 5.10 -25.18 -10.48
N ASN B 220 3.92 -25.48 -9.96
CA ASN B 220 3.34 -26.80 -10.09
C ASN B 220 1.99 -26.77 -10.83
N VAL B 221 1.49 -27.95 -11.20
CA VAL B 221 0.19 -28.13 -11.85
C VAL B 221 -0.94 -27.59 -10.94
N GLY B 222 -1.97 -27.04 -11.57
CA GLY B 222 -3.11 -26.50 -10.84
C GLY B 222 -2.95 -25.06 -10.44
N ASP B 223 -1.73 -24.49 -10.53
CA ASP B 223 -1.54 -23.06 -10.24
C ASP B 223 -2.24 -22.27 -11.37
N TYR B 224 -2.85 -21.13 -11.04
CA TYR B 224 -3.61 -20.38 -12.02
C TYR B 224 -3.19 -18.90 -12.14
N PHE B 225 -3.47 -18.29 -13.30
CA PHE B 225 -3.04 -16.94 -13.61
C PHE B 225 -4.18 -16.06 -13.99
N VAL B 226 -4.22 -14.86 -13.44
CA VAL B 226 -5.29 -13.89 -13.68
C VAL B 226 -4.64 -12.51 -13.88
N LEU B 227 -5.15 -11.69 -14.79
CA LEU B 227 -4.64 -10.33 -14.93
C LEU B 227 -5.15 -9.55 -13.70
N THR B 228 -4.25 -9.12 -12.79
CA THR B 228 -4.74 -8.42 -11.60
C THR B 228 -5.07 -7.01 -11.94
N SER B 229 -6.27 -6.63 -11.51
CA SER B 229 -6.84 -5.31 -11.70
C SER B 229 -6.98 -4.65 -10.33
N HIS B 230 -6.57 -3.40 -10.25
CA HIS B 230 -6.63 -2.66 -8.99
C HIS B 230 -7.78 -1.67 -8.96
N THR B 231 -8.11 -1.19 -7.75
CA THR B 231 -9.21 -0.25 -7.53
C THR B 231 -8.83 1.10 -8.02
N VAL B 232 -9.63 1.66 -8.93
CA VAL B 232 -9.41 2.98 -9.48
C VAL B 232 -9.99 3.98 -8.48
N MET B 233 -9.13 4.81 -7.91
CA MET B 233 -9.57 5.84 -6.99
C MET B 233 -10.09 7.04 -7.76
N PRO B 234 -10.94 7.86 -7.16
CA PRO B 234 -11.41 9.07 -7.83
C PRO B 234 -10.31 10.16 -7.88
N LEU B 235 -10.36 11.01 -8.90
CA LEU B 235 -9.43 12.11 -9.10
C LEU B 235 -10.00 13.37 -8.48
N SER B 236 -9.14 14.33 -8.15
CA SER B 236 -9.56 15.59 -7.53
C SER B 236 -8.85 16.78 -8.18
N ALA B 237 -7.51 16.64 -8.39
CA ALA B 237 -6.67 17.68 -8.96
C ALA B 237 -6.76 17.73 -10.49
N PRO B 238 -6.52 18.92 -11.12
CA PRO B 238 -6.50 18.95 -12.59
C PRO B 238 -5.30 18.19 -13.18
N THR B 239 -5.32 17.90 -14.47
CA THR B 239 -4.19 17.27 -15.15
C THR B 239 -2.98 18.22 -15.18
N LEU B 240 -3.25 19.55 -15.27
CA LEU B 240 -2.26 20.62 -15.23
C LEU B 240 -2.78 21.70 -14.30
N VAL B 241 -1.92 22.22 -13.44
CA VAL B 241 -2.27 23.36 -12.60
C VAL B 241 -2.38 24.59 -13.52
N PRO B 242 -3.02 25.70 -13.07
CA PRO B 242 -3.05 26.90 -13.91
C PRO B 242 -1.63 27.42 -14.14
N GLN B 243 -1.28 27.72 -15.40
CA GLN B 243 0.02 28.23 -15.73
C GLN B 243 0.26 29.61 -15.10
N GLU B 244 1.50 29.90 -14.73
CA GLU B 244 1.92 31.19 -14.20
C GLU B 244 3.27 31.49 -14.81
N HIS B 245 3.41 32.67 -15.39
CA HIS B 245 4.69 33.08 -15.93
C HIS B 245 5.24 34.13 -14.99
N TYR B 246 6.52 34.05 -14.71
CA TYR B 246 7.18 34.94 -13.77
C TYR B 246 8.19 35.85 -14.50
N VAL B 247 8.50 36.99 -13.87
CA VAL B 247 9.47 37.99 -14.32
C VAL B 247 10.90 37.56 -13.93
N ARG B 248 11.04 36.86 -12.80
CA ARG B 248 12.31 36.39 -12.24
C ARG B 248 12.20 34.89 -11.88
N ILE B 249 13.34 34.21 -11.65
CA ILE B 249 13.36 32.83 -11.17
C ILE B 249 12.73 32.84 -9.78
N THR B 250 11.70 32.04 -9.59
CA THR B 250 10.90 32.07 -8.40
C THR B 250 11.10 30.88 -7.49
N GLY B 251 11.44 31.14 -6.24
CA GLY B 251 11.59 30.09 -5.22
C GLY B 251 12.79 29.17 -5.36
N LEU B 252 13.62 29.44 -6.37
CA LEU B 252 14.81 28.66 -6.66
C LEU B 252 16.02 29.59 -6.65
N TYR B 253 17.19 29.03 -6.31
CA TYR B 253 18.43 29.77 -6.19
C TYR B 253 19.55 29.13 -7.04
N PRO B 254 19.86 29.76 -8.17
CA PRO B 254 20.88 29.20 -9.07
C PRO B 254 22.26 29.10 -8.47
N THR B 255 22.98 28.05 -8.88
CA THR B 255 24.34 27.80 -8.44
C THR B 255 25.22 28.85 -9.07
N LEU B 256 26.33 29.18 -8.38
CA LEU B 256 27.31 30.12 -8.91
C LEU B 256 28.32 29.45 -9.85
N ASN B 257 28.49 28.13 -9.72
CA ASN B 257 29.42 27.33 -10.47
C ASN B 257 28.79 26.09 -11.02
N ILE B 258 28.78 25.94 -12.33
CA ILE B 258 28.21 24.77 -12.96
C ILE B 258 29.27 24.08 -13.79
N SER B 259 29.16 22.77 -13.89
CA SER B 259 30.03 21.96 -14.71
C SER B 259 29.68 22.18 -16.20
N ASP B 260 30.70 22.23 -17.08
CA ASP B 260 30.44 22.36 -18.52
C ASP B 260 29.68 21.13 -19.08
N GLU B 261 29.49 20.08 -18.28
CA GLU B 261 28.66 18.96 -18.66
C GLU B 261 27.17 19.36 -18.64
N PHE B 262 26.77 20.40 -17.85
CA PHE B 262 25.39 20.88 -17.75
C PHE B 262 25.16 22.27 -18.28
N SER B 263 26.23 22.98 -18.71
CA SER B 263 26.17 24.35 -19.24
C SER B 263 25.19 24.49 -20.43
N SER B 264 25.03 23.44 -21.25
CA SER B 264 24.09 23.51 -22.36
C SER B 264 22.64 23.71 -21.87
N ASN B 265 22.33 23.34 -20.61
CA ASN B 265 20.96 23.49 -20.12
C ASN B 265 20.71 24.67 -19.22
N VAL B 266 21.70 25.53 -18.99
CA VAL B 266 21.52 26.69 -18.10
C VAL B 266 20.31 27.59 -18.52
N ALA B 267 20.18 27.96 -19.81
CA ALA B 267 19.04 28.79 -20.25
C ALA B 267 17.71 28.06 -19.97
N ASN B 268 17.65 26.72 -20.21
CA ASN B 268 16.47 25.91 -19.97
C ASN B 268 16.13 25.81 -18.46
N TYR B 269 17.16 25.65 -17.59
CA TYR B 269 17.00 25.61 -16.13
C TYR B 269 16.46 26.96 -15.62
N GLN B 270 16.87 28.07 -16.27
CA GLN B 270 16.34 29.38 -15.91
C GLN B 270 14.88 29.48 -16.35
N LYS B 271 14.55 28.97 -17.53
CA LYS B 271 13.16 28.94 -18.00
C LYS B 271 12.27 28.15 -17.01
N VAL B 272 12.79 27.05 -16.46
CA VAL B 272 12.11 26.23 -15.46
C VAL B 272 11.71 27.06 -14.22
N GLY B 273 12.61 27.88 -13.73
CA GLY B 273 12.33 28.71 -12.56
C GLY B 273 11.43 29.90 -12.84
N MET B 274 11.25 30.26 -14.11
CA MET B 274 10.45 31.42 -14.49
C MET B 274 9.00 31.14 -14.92
N GLN B 275 8.51 29.95 -14.66
CA GLN B 275 7.12 29.60 -14.94
C GLN B 275 6.64 28.43 -14.06
N LYS B 276 5.34 28.34 -13.76
CA LYS B 276 4.80 27.31 -12.87
C LYS B 276 5.12 25.93 -13.42
N TYR B 277 4.79 25.67 -14.68
CA TYR B 277 5.11 24.40 -15.28
C TYR B 277 5.78 24.62 -16.62
N SER B 278 6.63 23.68 -16.98
CA SER B 278 7.36 23.74 -18.23
C SER B 278 7.46 22.37 -18.86
N THR B 279 7.47 22.37 -20.18
CA THR B 279 7.53 21.16 -20.94
C THR B 279 8.87 21.06 -21.68
N LEU B 280 9.47 19.87 -21.64
CA LEU B 280 10.72 19.63 -22.31
C LEU B 280 10.53 18.46 -23.27
N GLN B 281 10.69 18.74 -24.55
CA GLN B 281 10.66 17.68 -25.54
C GLN B 281 12.11 17.26 -25.80
N GLY B 282 12.38 16.01 -25.50
CA GLY B 282 13.69 15.44 -25.73
C GLY B 282 13.64 14.25 -26.65
N PRO B 283 13.99 14.44 -27.93
CA PRO B 283 14.08 13.30 -28.86
C PRO B 283 15.08 12.24 -28.37
N PRO B 284 15.10 11.06 -29.00
CA PRO B 284 16.04 10.01 -28.57
C PRO B 284 17.50 10.44 -28.50
N GLY B 285 18.15 10.13 -27.38
CA GLY B 285 19.58 10.35 -27.19
C GLY B 285 20.01 11.80 -27.09
N THR B 286 19.07 12.71 -26.78
CA THR B 286 19.33 14.15 -26.69
C THR B 286 19.70 14.62 -25.27
N GLY B 287 19.59 13.77 -24.24
CA GLY B 287 19.96 14.15 -22.87
C GLY B 287 18.86 14.43 -21.86
N LYS B 288 17.73 13.72 -21.95
CA LYS B 288 16.62 13.92 -21.01
C LYS B 288 17.01 13.67 -19.51
N SER B 289 17.58 12.49 -19.15
CA SER B 289 18.00 12.23 -17.74
C SER B 289 19.09 13.18 -17.28
N HIS B 290 19.99 13.52 -18.22
CA HIS B 290 21.07 14.45 -17.96
C HIS B 290 20.49 15.83 -17.61
N PHE B 291 19.48 16.27 -18.34
CA PHE B 291 18.76 17.50 -18.05
C PHE B 291 18.11 17.42 -16.67
N ALA B 292 17.35 16.35 -16.40
CA ALA B 292 16.67 16.20 -15.13
C ALA B 292 17.59 16.23 -13.93
N ILE B 293 18.72 15.50 -13.99
CA ILE B 293 19.67 15.49 -12.86
C ILE B 293 20.43 16.81 -12.75
N GLY B 294 20.72 17.43 -13.90
CA GLY B 294 21.40 18.72 -13.95
C GLY B 294 20.62 19.85 -13.31
N LEU B 295 19.30 19.72 -13.30
CA LEU B 295 18.42 20.70 -12.68
C LEU B 295 18.74 20.77 -11.15
N ALA B 296 19.07 19.61 -10.53
CA ALA B 296 19.43 19.53 -9.12
C ALA B 296 20.76 20.25 -8.85
N LEU B 297 21.71 20.11 -9.76
CA LEU B 297 22.99 20.76 -9.64
C LEU B 297 22.86 22.27 -9.87
N TYR B 298 21.95 22.69 -10.78
CA TYR B 298 21.76 24.11 -11.04
C TYR B 298 21.02 24.82 -9.90
N TYR B 299 20.08 24.15 -9.23
CA TYR B 299 19.37 24.73 -8.08
C TYR B 299 19.72 23.81 -6.89
N PRO B 300 20.97 23.93 -6.36
CA PRO B 300 21.47 22.97 -5.39
C PRO B 300 20.73 22.84 -4.07
N SER B 301 19.99 23.87 -3.65
CA SER B 301 19.24 23.76 -2.39
C SER B 301 17.75 23.31 -2.59
N ALA B 302 17.28 23.23 -3.87
CA ALA B 302 15.92 22.82 -4.19
C ALA B 302 15.66 21.36 -3.88
N ARG B 303 14.50 21.11 -3.30
CA ARG B 303 14.02 19.78 -2.99
C ARG B 303 13.28 19.30 -4.27
N ILE B 304 13.78 18.22 -4.89
CA ILE B 304 13.20 17.73 -6.13
C ILE B 304 12.58 16.37 -5.99
N VAL B 305 11.34 16.23 -6.47
CA VAL B 305 10.70 14.95 -6.53
C VAL B 305 10.74 14.49 -8.01
N TYR B 306 11.39 13.39 -8.28
CA TYR B 306 11.52 12.84 -9.61
C TYR B 306 10.52 11.71 -9.71
N THR B 307 9.62 11.84 -10.68
CA THR B 307 8.57 10.87 -10.86
C THR B 307 8.45 10.47 -12.32
N ALA B 308 7.90 9.29 -12.53
CA ALA B 308 7.60 8.67 -13.84
C ALA B 308 6.58 7.54 -13.57
N CYS B 309 5.88 7.09 -14.60
CA CYS B 309 4.87 6.03 -14.42
C CYS B 309 5.46 4.69 -14.04
N SER B 310 6.52 4.29 -14.75
CA SER B 310 7.15 2.99 -14.55
C SER B 310 8.32 3.00 -13.59
N HIS B 311 8.54 1.85 -12.97
CA HIS B 311 9.67 1.63 -12.10
C HIS B 311 10.96 1.74 -12.90
N ALA B 312 10.96 1.30 -14.17
CA ALA B 312 12.14 1.39 -15.03
C ALA B 312 12.54 2.87 -15.23
N ALA B 313 11.60 3.76 -15.59
CA ALA B 313 11.92 5.16 -15.81
C ALA B 313 12.41 5.84 -14.54
N VAL B 314 11.80 5.51 -13.39
CA VAL B 314 12.24 6.05 -12.11
C VAL B 314 13.68 5.59 -11.79
N ASP B 315 13.97 4.28 -12.04
CA ASP B 315 15.28 3.65 -11.84
C ASP B 315 16.34 4.28 -12.71
N ALA B 316 16.01 4.63 -13.98
CA ALA B 316 16.97 5.28 -14.85
C ALA B 316 17.33 6.69 -14.29
N LEU B 317 16.35 7.41 -13.70
CA LEU B 317 16.65 8.70 -13.07
C LEU B 317 17.55 8.47 -11.83
N CYS B 318 17.32 7.42 -11.07
CA CYS B 318 18.14 7.04 -9.91
C CYS B 318 19.58 6.76 -10.36
N GLU B 319 19.76 6.05 -11.51
CA GLU B 319 21.07 5.73 -12.07
C GLU B 319 21.89 6.97 -12.37
N LYS B 320 21.27 7.98 -13.03
CA LYS B 320 21.89 9.26 -13.35
C LYS B 320 22.20 10.03 -12.07
N ALA B 321 21.26 10.05 -11.10
CA ALA B 321 21.46 10.73 -9.81
C ALA B 321 22.61 10.09 -9.02
N LEU B 322 22.75 8.77 -9.10
CA LEU B 322 23.81 8.04 -8.42
C LEU B 322 25.19 8.52 -8.88
N LYS B 323 25.32 8.88 -10.15
CA LYS B 323 26.53 9.43 -10.73
C LYS B 323 26.83 10.90 -10.28
N TYR B 324 25.83 11.80 -10.30
CA TYR B 324 26.05 13.22 -10.06
C TYR B 324 25.57 13.84 -8.74
N LEU B 325 24.66 13.19 -8.01
CA LEU B 325 24.11 13.76 -6.79
C LEU B 325 24.59 13.04 -5.54
N PRO B 326 24.64 13.72 -4.38
CA PRO B 326 25.02 13.01 -3.13
C PRO B 326 23.99 11.94 -2.76
N ILE B 327 24.44 10.68 -2.77
CA ILE B 327 23.63 9.51 -2.45
C ILE B 327 22.84 9.63 -1.11
N ASP B 328 23.41 10.29 -0.10
CA ASP B 328 22.73 10.48 1.19
C ASP B 328 21.58 11.50 1.15
N LYS B 329 21.49 12.33 0.08
CA LYS B 329 20.38 13.27 -0.09
C LYS B 329 19.26 12.66 -0.98
N CYS B 330 19.35 11.36 -1.32
CA CYS B 330 18.38 10.67 -2.18
C CYS B 330 17.60 9.59 -1.45
N SER B 331 16.38 9.35 -1.93
CA SER B 331 15.56 8.27 -1.45
C SER B 331 14.69 7.69 -2.56
N ARG B 332 14.63 6.36 -2.66
CA ARG B 332 13.79 5.68 -3.62
C ARG B 332 12.55 5.21 -2.83
N ILE B 333 11.34 5.71 -3.21
CA ILE B 333 10.08 5.36 -2.54
C ILE B 333 9.54 4.10 -3.22
N ILE B 334 9.42 3.04 -2.44
CA ILE B 334 8.96 1.73 -2.89
C ILE B 334 7.74 1.33 -2.08
N PRO B 335 6.58 1.12 -2.76
CA PRO B 335 5.38 0.65 -2.02
C PRO B 335 5.59 -0.77 -1.50
N ALA B 336 5.14 -1.07 -0.26
CA ALA B 336 5.33 -2.43 0.30
C ALA B 336 4.58 -3.49 -0.54
N VAL B 340 8.24 -6.55 -7.48
CA VAL B 340 9.03 -5.80 -8.46
C VAL B 340 10.45 -5.37 -7.97
N GLU B 341 11.49 -5.81 -8.70
CA GLU B 341 12.85 -5.47 -8.32
C GLU B 341 13.21 -4.12 -8.90
N CYS B 342 13.50 -3.16 -8.03
CA CYS B 342 13.88 -1.82 -8.46
C CYS B 342 15.12 -1.30 -7.70
N PHE B 343 15.52 -0.03 -7.93
CA PHE B 343 16.68 0.64 -7.38
C PHE B 343 16.90 0.46 -5.87
N ASP B 344 18.04 -0.17 -5.48
CA ASP B 344 18.28 -0.37 -4.05
C ASP B 344 19.55 0.28 -3.55
N LYS B 345 19.97 1.38 -4.19
CA LYS B 345 21.20 2.06 -3.75
C LYS B 345 20.93 3.32 -2.93
N PHE B 346 19.67 3.77 -2.84
CA PHE B 346 19.32 4.93 -2.01
C PHE B 346 18.60 4.47 -0.75
N LYS B 347 18.52 5.31 0.30
CA LYS B 347 17.72 4.96 1.48
C LYS B 347 16.23 4.86 1.05
N VAL B 348 15.59 3.76 1.44
CA VAL B 348 14.23 3.47 0.98
C VAL B 348 13.15 4.11 1.87
N ASN B 349 12.18 4.75 1.22
CA ASN B 349 10.97 5.34 1.80
C ASN B 349 11.24 6.45 2.80
N SER B 350 12.18 7.32 2.47
CA SER B 350 12.50 8.47 3.30
C SER B 350 12.00 9.67 2.52
N THR B 351 10.69 9.90 2.64
CA THR B 351 9.92 10.96 1.98
C THR B 351 10.51 12.36 2.15
N LEU B 352 11.27 12.58 3.24
CA LEU B 352 11.81 13.90 3.52
C LEU B 352 13.22 14.17 2.99
N GLU B 353 13.75 13.27 2.18
CA GLU B 353 15.05 13.49 1.56
C GLU B 353 14.96 14.62 0.55
N GLN B 354 16.08 15.28 0.26
CA GLN B 354 16.10 16.36 -0.71
C GLN B 354 15.71 15.88 -2.11
N TYR B 355 16.10 14.65 -2.49
CA TYR B 355 15.76 14.09 -3.80
C TYR B 355 15.00 12.81 -3.63
N VAL B 356 13.73 12.81 -4.02
CA VAL B 356 12.87 11.65 -3.87
C VAL B 356 12.55 11.05 -5.25
N PHE B 357 12.71 9.76 -5.40
CA PHE B 357 12.52 9.08 -6.68
C PHE B 357 11.39 8.09 -6.44
N CYS B 358 10.29 8.29 -7.16
CA CYS B 358 9.10 7.52 -6.89
C CYS B 358 8.16 7.45 -8.11
N THR B 359 7.55 6.25 -8.37
CA THR B 359 6.58 6.11 -9.44
C THR B 359 5.32 6.93 -9.08
N VAL B 360 4.55 7.35 -10.10
CA VAL B 360 3.33 8.11 -9.87
C VAL B 360 2.35 7.42 -8.86
N ASN B 361 2.06 6.13 -9.05
CA ASN B 361 1.09 5.42 -8.18
C ASN B 361 1.53 5.26 -6.73
N ALA B 362 2.83 5.52 -6.43
CA ALA B 362 3.40 5.40 -5.08
C ALA B 362 3.73 6.73 -4.38
N LEU B 363 3.46 7.85 -5.07
CA LEU B 363 3.77 9.16 -4.55
C LEU B 363 3.15 9.43 -3.19
N PRO B 364 3.95 9.94 -2.26
CA PRO B 364 3.39 10.39 -1.00
C PRO B 364 2.79 11.80 -1.17
N GLU B 365 2.00 12.22 -0.18
CA GLU B 365 1.42 13.55 -0.17
C GLU B 365 2.48 14.40 0.43
N THR B 366 3.15 15.18 -0.42
CA THR B 366 4.25 16.04 0.01
C THR B 366 4.35 17.30 -0.87
N THR B 367 5.28 18.20 -0.52
CA THR B 367 5.58 19.41 -1.24
C THR B 367 6.99 19.28 -1.86
N ALA B 368 7.32 20.15 -2.83
CA ALA B 368 8.64 20.18 -3.44
C ALA B 368 8.90 21.53 -4.10
N ASP B 369 10.17 21.87 -4.27
CA ASP B 369 10.53 23.08 -4.99
C ASP B 369 10.33 22.79 -6.50
N ILE B 370 10.73 21.60 -6.95
CA ILE B 370 10.55 21.16 -8.32
C ILE B 370 10.06 19.70 -8.32
N VAL B 371 9.11 19.40 -9.18
CA VAL B 371 8.64 18.06 -9.47
C VAL B 371 9.05 17.84 -10.91
N VAL B 372 9.81 16.78 -11.19
CA VAL B 372 10.23 16.44 -12.53
C VAL B 372 9.45 15.17 -12.88
N PHE B 373 8.60 15.23 -13.90
CA PHE B 373 7.79 14.08 -14.32
C PHE B 373 8.35 13.68 -15.68
N ASP B 374 9.10 12.57 -15.71
CA ASP B 374 9.77 12.04 -16.89
C ASP B 374 8.88 11.06 -17.67
N GLU B 375 9.30 10.77 -18.91
CA GLU B 375 8.67 9.87 -19.88
C GLU B 375 7.16 10.19 -20.03
N ILE B 376 6.88 11.45 -20.30
CA ILE B 376 5.54 12.03 -20.31
C ILE B 376 4.63 11.49 -21.42
N SER B 377 5.16 11.02 -22.56
CA SER B 377 4.29 10.41 -23.58
C SER B 377 3.59 9.16 -23.03
N MET B 378 4.21 8.46 -22.03
CA MET B 378 3.68 7.25 -21.39
C MET B 378 2.65 7.52 -20.28
N ALA B 379 2.50 8.79 -19.87
CA ALA B 379 1.53 9.13 -18.86
C ALA B 379 0.14 9.25 -19.50
N THR B 380 -0.86 8.99 -18.67
CA THR B 380 -2.27 9.21 -18.99
C THR B 380 -2.68 10.46 -18.17
N ASN B 381 -3.86 11.01 -18.47
CA ASN B 381 -4.40 12.12 -17.70
C ASN B 381 -4.67 11.72 -16.28
N TYR B 382 -4.93 10.42 -16.03
CA TYR B 382 -5.12 9.89 -14.69
C TYR B 382 -3.83 10.12 -13.88
N ASP B 383 -2.69 9.77 -14.47
CA ASP B 383 -1.37 10.00 -13.88
C ASP B 383 -1.07 11.46 -13.66
N LEU B 384 -1.38 12.33 -14.66
CA LEU B 384 -1.19 13.78 -14.54
C LEU B 384 -1.93 14.34 -13.34
N SER B 385 -3.17 13.87 -13.14
CA SER B 385 -4.02 14.31 -12.06
C SER B 385 -3.51 13.82 -10.71
N VAL B 386 -3.10 12.54 -10.61
CA VAL B 386 -2.57 11.98 -9.36
C VAL B 386 -1.35 12.77 -8.90
N VAL B 387 -0.43 13.10 -9.83
CA VAL B 387 0.76 13.88 -9.48
C VAL B 387 0.37 15.23 -8.87
N ASN B 388 -0.58 15.92 -9.51
CA ASN B 388 -1.02 17.23 -9.01
C ASN B 388 -1.69 17.13 -7.64
N ALA B 389 -2.37 16.00 -7.34
CA ALA B 389 -3.04 15.78 -6.06
C ALA B 389 -2.05 15.44 -4.97
N ARG B 390 -1.06 14.60 -5.28
CA ARG B 390 -0.07 14.17 -4.29
C ARG B 390 1.01 15.21 -4.03
N LEU B 391 1.41 16.00 -5.05
CA LEU B 391 2.54 16.93 -4.95
C LEU B 391 2.22 18.41 -5.11
N ARG B 392 2.49 19.22 -4.07
CA ARG B 392 2.29 20.66 -4.16
C ARG B 392 3.68 21.27 -4.44
N ALA B 393 3.91 21.76 -5.65
CA ALA B 393 5.24 22.23 -6.04
C ALA B 393 5.33 23.66 -6.56
N LYS B 394 6.49 24.30 -6.37
CA LYS B 394 6.72 25.63 -6.90
C LYS B 394 6.85 25.53 -8.44
N HIS B 395 7.43 24.42 -8.94
CA HIS B 395 7.64 24.21 -10.37
C HIS B 395 7.43 22.77 -10.76
N TYR B 396 6.81 22.57 -11.91
CA TYR B 396 6.56 21.24 -12.45
C TYR B 396 7.24 21.16 -13.80
N VAL B 397 8.09 20.14 -14.01
CA VAL B 397 8.76 19.99 -15.29
C VAL B 397 8.33 18.67 -15.91
N TYR B 398 7.77 18.74 -17.10
CA TYR B 398 7.29 17.55 -17.78
C TYR B 398 8.27 17.26 -18.86
N ILE B 399 8.94 16.09 -18.76
CA ILE B 399 9.96 15.70 -19.74
C ILE B 399 9.51 14.48 -20.48
N GLY B 400 9.66 14.50 -21.78
CA GLY B 400 9.34 13.36 -22.60
C GLY B 400 9.42 13.71 -24.06
N ASP B 401 8.67 12.97 -24.86
CA ASP B 401 8.68 13.22 -26.29
C ASP B 401 7.40 12.73 -26.85
N PRO B 402 6.51 13.67 -27.34
CA PRO B 402 5.25 13.26 -27.95
C PRO B 402 5.45 12.47 -29.25
N ALA B 403 6.68 12.43 -29.78
CA ALA B 403 7.01 11.63 -30.97
C ALA B 403 7.40 10.19 -30.60
N GLN B 404 7.38 9.84 -29.30
CA GLN B 404 7.65 8.48 -28.87
C GLN B 404 6.34 7.80 -28.47
N LEU B 405 6.43 6.59 -27.96
CA LEU B 405 5.29 5.77 -27.69
C LEU B 405 4.46 6.24 -26.47
N PRO B 406 3.12 6.21 -26.66
CA PRO B 406 2.24 6.50 -25.53
C PRO B 406 1.99 5.23 -24.70
N ALA B 407 1.25 5.38 -23.58
CA ALA B 407 0.86 4.23 -22.76
C ALA B 407 -0.08 3.36 -23.60
N PRO B 408 0.02 2.03 -23.51
CA PRO B 408 -0.88 1.19 -24.31
C PRO B 408 -2.32 1.45 -23.89
N ARG B 409 -3.20 1.57 -24.87
CA ARG B 409 -4.61 1.77 -24.58
C ARG B 409 -5.22 0.43 -24.91
N THR B 410 -5.23 -0.50 -23.94
CA THR B 410 -5.72 -1.86 -24.10
C THR B 410 -7.11 -1.93 -24.71
N LEU B 411 -8.00 -0.95 -24.42
CA LEU B 411 -9.34 -0.98 -24.98
C LEU B 411 -9.40 -0.47 -26.42
N LEU B 412 -8.46 0.41 -26.81
CA LEU B 412 -8.45 1.05 -28.12
C LEU B 412 -8.07 0.10 -29.27
N THR B 413 -9.05 -0.19 -30.11
CA THR B 413 -8.90 -1.07 -31.27
C THR B 413 -9.23 -0.37 -32.61
N LYS B 414 -10.07 0.67 -32.57
CA LYS B 414 -10.47 1.36 -33.77
C LYS B 414 -9.94 2.79 -33.85
N GLY B 415 -9.11 3.03 -34.85
CA GLY B 415 -8.55 4.35 -35.07
C GLY B 415 -7.19 4.51 -34.48
N THR B 416 -6.50 5.57 -34.90
CA THR B 416 -5.15 5.87 -34.44
C THR B 416 -5.23 7.07 -33.50
N LEU B 417 -4.55 6.97 -32.38
CA LEU B 417 -4.51 8.07 -31.41
C LEU B 417 -3.32 8.96 -31.71
N GLU B 418 -3.56 10.18 -32.15
CA GLU B 418 -2.49 11.13 -32.43
C GLU B 418 -1.81 11.66 -31.14
N PRO B 419 -0.50 12.04 -31.22
CA PRO B 419 0.24 12.52 -30.03
C PRO B 419 -0.42 13.67 -29.25
N GLU B 420 -1.11 14.59 -29.97
CA GLU B 420 -1.82 15.68 -29.33
C GLU B 420 -2.97 15.19 -28.39
N TYR B 421 -3.28 13.89 -28.39
CA TYR B 421 -4.31 13.35 -27.54
C TYR B 421 -3.77 12.36 -26.51
N PHE B 422 -2.42 12.20 -26.38
CA PHE B 422 -1.84 11.22 -25.43
C PHE B 422 -2.23 11.61 -24.01
N ASN B 423 -2.13 12.89 -23.69
CA ASN B 423 -2.46 13.47 -22.40
C ASN B 423 -2.41 15.01 -22.55
N SER B 424 -2.75 15.74 -21.49
CA SER B 424 -2.74 17.21 -21.52
C SER B 424 -1.37 17.81 -21.83
N VAL B 425 -0.28 17.21 -21.34
CA VAL B 425 1.06 17.74 -21.56
C VAL B 425 1.41 17.57 -23.03
N CYS B 426 1.14 16.38 -23.59
CA CYS B 426 1.39 16.12 -24.99
C CYS B 426 0.55 16.98 -25.89
N ARG B 427 -0.71 17.24 -25.48
CA ARG B 427 -1.59 18.14 -26.20
C ARG B 427 -0.94 19.55 -26.30
N LEU B 428 -0.44 20.11 -25.18
CA LEU B 428 0.27 21.40 -25.20
C LEU B 428 1.53 21.35 -26.08
N MET B 429 2.41 20.35 -25.94
CA MET B 429 3.61 20.23 -26.77
C MET B 429 3.31 20.18 -28.26
N LYS B 430 2.17 19.64 -28.64
CA LYS B 430 1.82 19.52 -30.05
C LYS B 430 1.03 20.71 -30.60
N THR B 431 0.36 21.46 -29.73
CA THR B 431 -0.45 22.58 -30.17
C THR B 431 0.35 23.90 -30.06
N ILE B 432 0.77 24.30 -28.85
CA ILE B 432 1.57 25.51 -28.63
C ILE B 432 3.09 25.27 -28.70
N GLY B 433 3.52 24.02 -28.74
CA GLY B 433 4.93 23.69 -28.78
C GLY B 433 5.51 23.48 -27.39
N PRO B 434 6.60 22.70 -27.30
CA PRO B 434 7.24 22.51 -25.99
C PRO B 434 7.95 23.80 -25.56
N ASP B 435 8.09 23.98 -24.24
CA ASP B 435 8.81 25.15 -23.72
C ASP B 435 10.29 25.06 -24.06
N MET B 436 10.84 23.83 -23.99
CA MET B 436 12.24 23.55 -24.23
C MET B 436 12.34 22.35 -25.12
N PHE B 437 13.38 22.36 -25.93
CA PHE B 437 13.62 21.27 -26.86
C PHE B 437 15.12 20.92 -26.87
N LEU B 438 15.48 19.65 -26.57
CA LEU B 438 16.87 19.18 -26.66
C LEU B 438 17.10 18.83 -28.12
N GLY B 439 17.84 19.70 -28.80
CA GLY B 439 17.98 19.61 -30.24
C GLY B 439 19.10 18.78 -30.82
N THR B 440 19.96 18.16 -29.99
CA THR B 440 21.06 17.39 -30.59
C THR B 440 21.06 15.94 -30.16
N CYS B 441 20.82 15.06 -31.11
CA CYS B 441 20.85 13.64 -30.90
C CYS B 441 22.29 13.21 -30.88
N ARG B 442 22.75 12.68 -29.75
CA ARG B 442 24.13 12.20 -29.65
C ARG B 442 24.25 10.68 -29.85
N ARG B 443 23.14 10.00 -30.10
CA ARG B 443 23.18 8.55 -30.22
C ARG B 443 23.36 8.03 -31.63
N CYS B 444 22.56 8.55 -32.54
CA CYS B 444 22.33 7.93 -33.81
C CYS B 444 23.20 8.41 -34.93
N PRO B 445 23.53 7.49 -35.88
CA PRO B 445 24.24 7.94 -37.10
C PRO B 445 23.38 8.98 -37.82
N ALA B 446 23.99 10.00 -38.44
CA ALA B 446 23.24 11.08 -39.07
C ALA B 446 22.09 10.63 -40.00
N GLU B 447 22.19 9.49 -40.72
CA GLU B 447 21.08 9.02 -41.60
C GLU B 447 19.80 8.81 -40.80
N ILE B 448 19.91 8.26 -39.57
CA ILE B 448 18.76 8.03 -38.71
C ILE B 448 18.25 9.34 -38.18
N VAL B 449 19.14 10.22 -37.69
CA VAL B 449 18.74 11.52 -37.14
C VAL B 449 18.01 12.34 -38.18
N ASP B 450 18.53 12.39 -39.40
CA ASP B 450 17.93 13.14 -40.49
C ASP B 450 16.55 12.56 -40.88
N THR B 451 16.39 11.23 -40.87
CA THR B 451 15.09 10.61 -41.18
C THR B 451 14.02 11.00 -40.14
N VAL B 452 14.31 10.85 -38.82
CA VAL B 452 13.35 11.14 -37.77
C VAL B 452 13.14 12.65 -37.61
N SER B 453 14.19 13.45 -37.83
CA SER B 453 14.10 14.91 -37.79
C SER B 453 13.06 15.38 -38.82
N ALA B 454 13.07 14.86 -40.04
CA ALA B 454 12.06 15.21 -41.05
C ALA B 454 10.69 14.59 -40.74
N LEU B 455 10.68 13.33 -40.29
CA LEU B 455 9.49 12.55 -39.98
C LEU B 455 8.61 13.12 -38.87
N VAL B 456 9.18 13.37 -37.68
CA VAL B 456 8.38 13.75 -36.52
C VAL B 456 8.85 15.03 -35.79
N TYR B 457 10.00 15.62 -36.16
CA TYR B 457 10.55 16.77 -35.44
C TYR B 457 10.60 18.08 -36.20
N ASP B 458 9.85 18.22 -37.31
CA ASP B 458 9.85 19.45 -38.14
C ASP B 458 11.27 19.94 -38.49
N ASN B 459 12.18 19.01 -38.74
CA ASN B 459 13.57 19.29 -39.12
C ASN B 459 14.37 20.06 -38.08
N LYS B 460 13.99 19.93 -36.80
CA LYS B 460 14.70 20.61 -35.72
C LYS B 460 15.69 19.73 -34.98
N LEU B 461 15.71 18.41 -35.26
CA LEU B 461 16.65 17.52 -34.61
C LEU B 461 17.94 17.49 -35.40
N LYS B 462 19.07 17.79 -34.73
CA LYS B 462 20.38 17.81 -35.37
C LYS B 462 21.24 16.59 -34.98
N ALA B 463 22.08 16.13 -35.90
CA ALA B 463 22.92 14.98 -35.63
C ALA B 463 24.24 15.44 -35.02
N HIS B 464 24.71 14.72 -34.02
CA HIS B 464 26.02 14.97 -33.44
C HIS B 464 27.03 14.05 -34.19
N LYS B 465 26.66 12.81 -34.42
CA LYS B 465 27.49 11.87 -35.15
C LYS B 465 27.42 12.15 -36.64
N ASP B 466 28.45 11.71 -37.36
CA ASP B 466 28.44 11.80 -38.81
C ASP B 466 27.51 10.64 -39.33
N LYS B 467 27.32 10.56 -40.66
CA LYS B 467 26.64 9.44 -41.27
C LYS B 467 27.54 8.22 -41.06
N SER B 468 26.99 7.11 -40.60
CA SER B 468 27.77 5.90 -40.36
C SER B 468 28.06 5.13 -41.66
N ALA B 469 27.25 5.32 -42.71
CA ALA B 469 27.26 4.55 -43.96
C ALA B 469 26.88 3.06 -43.72
N GLN B 470 26.26 2.77 -42.57
CA GLN B 470 25.83 1.44 -42.15
C GLN B 470 24.31 1.41 -41.89
N CYS B 471 23.54 2.28 -42.57
CA CYS B 471 22.08 2.33 -42.45
C CYS B 471 21.48 1.90 -43.78
N PHE B 472 20.83 0.74 -43.80
CA PHE B 472 20.27 0.14 -45.01
C PHE B 472 18.79 -0.08 -44.95
N LYS B 473 18.17 -0.08 -46.13
CA LYS B 473 16.75 -0.31 -46.27
C LYS B 473 16.47 -1.26 -47.45
N MET B 474 15.51 -2.16 -47.27
N MET B 474 15.50 -2.17 -47.27
CA MET B 474 15.07 -3.02 -48.33
CA MET B 474 15.09 -3.12 -48.30
C MET B 474 13.58 -3.01 -48.35
C MET B 474 13.59 -3.11 -48.35
N PHE B 475 13.01 -3.01 -49.54
CA PHE B 475 11.59 -3.01 -49.68
C PHE B 475 11.20 -4.46 -50.02
N TYR B 476 10.61 -5.17 -49.06
CA TYR B 476 10.24 -6.57 -49.26
C TYR B 476 8.98 -6.90 -48.46
N LYS B 477 7.82 -7.01 -49.14
CA LYS B 477 6.58 -7.31 -48.43
C LYS B 477 6.52 -8.73 -47.84
N GLY B 478 7.22 -9.69 -48.44
CA GLY B 478 7.26 -11.04 -47.92
C GLY B 478 5.90 -11.71 -47.91
N VAL B 479 5.62 -12.50 -46.87
CA VAL B 479 4.37 -13.22 -46.68
C VAL B 479 3.98 -13.01 -45.23
N ILE B 480 2.76 -12.51 -45.00
CA ILE B 480 2.29 -12.28 -43.65
C ILE B 480 1.39 -13.39 -43.17
N THR B 481 1.80 -14.05 -42.11
CA THR B 481 1.00 -15.06 -41.44
C THR B 481 0.54 -14.43 -40.08
N HIS B 482 -0.68 -14.81 -39.62
CA HIS B 482 -1.23 -14.29 -38.37
C HIS B 482 -1.48 -15.42 -37.44
N ASP B 483 -1.26 -15.21 -36.16
CA ASP B 483 -1.67 -16.21 -35.19
C ASP B 483 -2.81 -15.58 -34.36
N VAL B 484 -3.07 -16.06 -33.13
CA VAL B 484 -4.17 -15.56 -32.34
C VAL B 484 -4.16 -14.01 -32.15
N SER B 485 -2.99 -13.40 -31.91
CA SER B 485 -2.94 -11.94 -31.72
C SER B 485 -1.66 -11.23 -32.21
N SER B 486 -0.94 -11.86 -33.15
CA SER B 486 0.29 -11.26 -33.66
C SER B 486 0.50 -11.54 -35.18
N ALA B 487 1.53 -10.92 -35.79
CA ALA B 487 1.89 -11.13 -37.20
C ALA B 487 3.32 -11.68 -37.29
N ILE B 488 3.53 -12.50 -38.31
CA ILE B 488 4.80 -13.13 -38.61
C ILE B 488 5.06 -12.91 -40.10
N ASN B 489 6.33 -12.64 -40.44
CA ASN B 489 6.76 -12.51 -41.82
C ASN B 489 8.05 -13.30 -41.96
N ARG B 490 7.91 -14.63 -42.21
CA ARG B 490 9.06 -15.51 -42.37
C ARG B 490 9.93 -15.08 -43.54
N PRO B 491 9.40 -14.73 -44.75
CA PRO B 491 10.30 -14.27 -45.83
C PRO B 491 11.16 -13.04 -45.43
N GLN B 492 10.64 -12.10 -44.59
CA GLN B 492 11.44 -10.98 -44.11
C GLN B 492 12.57 -11.45 -43.18
N ILE B 493 12.31 -12.46 -42.32
CA ILE B 493 13.37 -13.04 -41.49
C ILE B 493 14.39 -13.79 -42.38
N GLY B 494 13.92 -14.42 -43.45
CA GLY B 494 14.77 -15.12 -44.42
C GLY B 494 15.71 -14.16 -45.12
N VAL B 495 15.23 -12.95 -45.44
CA VAL B 495 16.04 -11.91 -46.06
C VAL B 495 17.15 -11.47 -45.08
N VAL B 496 16.81 -11.36 -43.78
CA VAL B 496 17.77 -11.01 -42.75
C VAL B 496 18.83 -12.10 -42.62
N ARG B 497 18.43 -13.38 -42.57
CA ARG B 497 19.35 -14.51 -42.50
C ARG B 497 20.33 -14.48 -43.67
N GLU B 498 19.86 -14.16 -44.90
CA GLU B 498 20.70 -14.05 -46.08
C GLU B 498 21.69 -12.88 -45.97
N PHE B 499 21.24 -11.74 -45.44
CA PHE B 499 22.09 -10.57 -45.19
C PHE B 499 23.16 -10.90 -44.15
N LEU B 500 22.79 -11.60 -43.08
CA LEU B 500 23.71 -11.97 -42.01
C LEU B 500 24.82 -12.87 -42.51
N THR B 501 24.56 -13.82 -43.45
CA THR B 501 25.61 -14.66 -44.00
C THR B 501 26.65 -13.84 -44.77
N ARG B 502 26.20 -12.79 -45.46
CA ARG B 502 27.11 -11.93 -46.21
C ARG B 502 27.72 -10.76 -45.37
N ASN B 503 27.18 -10.45 -44.13
CA ASN B 503 27.55 -9.34 -43.19
C ASN B 503 27.69 -9.86 -41.75
N PRO B 504 28.61 -10.81 -41.50
CA PRO B 504 28.71 -11.41 -40.16
C PRO B 504 28.99 -10.44 -39.03
N ALA B 505 29.47 -9.21 -39.30
CA ALA B 505 29.64 -8.20 -38.24
C ALA B 505 28.28 -7.84 -37.60
N TRP B 506 27.20 -7.97 -38.38
CA TRP B 506 25.85 -7.70 -37.89
C TRP B 506 25.32 -8.82 -37.00
N ARG B 507 26.10 -9.86 -36.68
CA ARG B 507 25.64 -10.89 -35.77
C ARG B 507 25.55 -10.35 -34.33
N LYS B 508 26.16 -9.19 -34.05
CA LYS B 508 26.03 -8.51 -32.76
C LYS B 508 24.72 -7.65 -32.69
N ALA B 509 23.92 -7.60 -33.79
CA ALA B 509 22.68 -6.83 -33.86
C ALA B 509 21.53 -7.30 -32.96
N VAL B 510 20.66 -6.35 -32.59
CA VAL B 510 19.44 -6.63 -31.87
C VAL B 510 18.34 -6.62 -32.91
N PHE B 511 17.55 -7.67 -32.95
CA PHE B 511 16.42 -7.79 -33.87
C PHE B 511 15.18 -7.09 -33.25
N ILE B 512 14.57 -6.18 -33.98
CA ILE B 512 13.37 -5.47 -33.55
C ILE B 512 12.26 -5.59 -34.59
N SER B 513 11.03 -5.76 -34.11
CA SER B 513 9.87 -5.78 -34.96
C SER B 513 8.64 -5.27 -34.16
N PRO B 514 7.55 -4.86 -34.85
CA PRO B 514 6.35 -4.44 -34.09
C PRO B 514 5.57 -5.60 -33.48
N TYR B 515 6.01 -6.88 -33.65
CA TYR B 515 5.25 -8.04 -33.16
C TYR B 515 6.05 -9.04 -32.35
N ASN B 516 5.49 -9.55 -31.24
CA ASN B 516 6.21 -10.59 -30.47
C ASN B 516 6.29 -11.92 -31.21
N SER B 517 5.27 -12.31 -32.00
CA SER B 517 5.37 -13.56 -32.74
C SER B 517 6.44 -13.51 -33.79
N GLN B 518 6.60 -12.39 -34.49
CA GLN B 518 7.69 -12.21 -35.44
C GLN B 518 9.06 -12.33 -34.71
N ASN B 519 9.17 -11.75 -33.51
CA ASN B 519 10.36 -11.80 -32.67
C ASN B 519 10.69 -13.21 -32.21
N ALA B 520 9.67 -13.99 -31.88
CA ALA B 520 9.88 -15.37 -31.44
C ALA B 520 10.43 -16.20 -32.60
N VAL B 521 9.86 -16.01 -33.82
CA VAL B 521 10.34 -16.71 -35.02
C VAL B 521 11.80 -16.28 -35.31
N ALA B 522 12.08 -14.95 -35.26
CA ALA B 522 13.44 -14.44 -35.51
C ALA B 522 14.48 -14.93 -34.48
N SER B 523 14.07 -15.10 -33.22
CA SER B 523 14.97 -15.57 -32.18
C SER B 523 15.47 -16.98 -32.50
N LYS B 524 14.56 -17.87 -32.95
CA LYS B 524 14.92 -19.24 -33.31
C LYS B 524 15.76 -19.34 -34.61
N ILE B 525 15.38 -18.59 -35.66
CA ILE B 525 16.07 -18.65 -36.95
C ILE B 525 17.39 -17.88 -37.01
N LEU B 526 17.44 -16.68 -36.39
CA LEU B 526 18.60 -15.82 -36.42
C LEU B 526 19.48 -15.96 -35.21
N GLY B 527 18.89 -16.20 -34.05
CA GLY B 527 19.64 -16.24 -32.83
C GLY B 527 20.03 -14.88 -32.30
N LEU B 528 19.51 -13.80 -32.91
CA LEU B 528 19.77 -12.46 -32.42
C LEU B 528 18.93 -12.20 -31.18
N PRO B 529 19.40 -11.37 -30.24
CA PRO B 529 18.50 -10.92 -29.16
C PRO B 529 17.32 -10.13 -29.82
N THR B 530 16.13 -10.24 -29.25
CA THR B 530 14.94 -9.57 -29.80
C THR B 530 14.26 -8.65 -28.80
N GLN B 531 13.62 -7.62 -29.31
CA GLN B 531 12.83 -6.63 -28.57
C GLN B 531 11.69 -6.17 -29.49
N THR B 532 10.53 -5.91 -28.91
CA THR B 532 9.46 -5.30 -29.68
C THR B 532 9.84 -3.82 -29.71
N VAL B 533 9.20 -3.01 -30.57
CA VAL B 533 9.48 -1.59 -30.58
C VAL B 533 9.12 -0.95 -29.22
N ASP B 534 7.94 -1.34 -28.68
CA ASP B 534 7.45 -0.85 -27.40
C ASP B 534 8.39 -1.23 -26.25
N SER B 535 8.98 -2.45 -26.25
CA SER B 535 9.94 -2.82 -25.20
C SER B 535 11.35 -2.27 -25.43
N SER B 536 11.68 -1.82 -26.65
CA SER B 536 13.00 -1.24 -26.93
C SER B 536 13.10 0.23 -26.47
N GLN B 537 11.95 0.94 -26.28
CA GLN B 537 11.88 2.36 -25.88
C GLN B 537 12.72 2.64 -24.67
N GLY B 538 13.61 3.62 -24.77
CA GLY B 538 14.52 3.93 -23.69
C GLY B 538 15.86 3.21 -23.77
N SER B 539 15.96 2.17 -24.64
CA SER B 539 17.19 1.38 -24.84
C SER B 539 18.00 1.79 -26.11
N GLU B 540 19.28 1.37 -26.19
CA GLU B 540 20.12 1.65 -27.34
C GLU B 540 21.08 0.51 -27.58
N TYR B 541 21.34 0.23 -28.86
CA TYR B 541 22.22 -0.86 -29.32
C TYR B 541 23.07 -0.38 -30.52
N ASP B 542 24.25 -0.99 -30.75
CA ASP B 542 25.12 -0.59 -31.88
C ASP B 542 24.44 -0.86 -33.21
N TYR B 543 23.88 -2.06 -33.36
CA TYR B 543 23.24 -2.46 -34.59
C TYR B 543 21.86 -2.95 -34.32
N VAL B 544 20.95 -2.57 -35.19
CA VAL B 544 19.56 -2.92 -35.08
C VAL B 544 19.14 -3.50 -36.43
N ILE B 545 18.41 -4.59 -36.39
CA ILE B 545 17.81 -5.16 -37.58
C ILE B 545 16.31 -5.10 -37.35
N PHE B 546 15.61 -4.39 -38.20
CA PHE B 546 14.16 -4.21 -38.07
C PHE B 546 13.40 -4.81 -39.25
N THR B 547 12.39 -5.64 -38.96
CA THR B 547 11.52 -6.15 -40.00
C THR B 547 10.14 -5.52 -39.69
N GLN B 548 9.62 -4.74 -40.63
CA GLN B 548 8.33 -4.11 -40.45
C GLN B 548 7.19 -5.12 -40.23
N THR B 549 7.34 -6.33 -40.79
CA THR B 549 6.43 -7.49 -40.68
C THR B 549 5.15 -7.34 -41.53
N THR B 550 4.39 -6.25 -41.31
CA THR B 550 3.14 -5.98 -42.03
C THR B 550 3.08 -4.45 -42.41
N GLU B 551 2.03 -3.99 -43.12
CA GLU B 551 1.82 -2.56 -43.45
C GLU B 551 0.62 -1.91 -42.69
N THR B 552 0.26 -2.49 -41.55
CA THR B 552 -0.88 -2.12 -40.72
C THR B 552 -0.67 -0.73 -40.11
N ALA B 553 -1.75 -0.16 -39.50
CA ALA B 553 -1.65 1.10 -38.77
C ALA B 553 -0.63 0.93 -37.58
N HIS B 554 -0.60 -0.26 -36.96
CA HIS B 554 0.33 -0.56 -35.88
C HIS B 554 1.79 -0.51 -36.38
N SER B 555 2.12 -1.22 -37.46
CA SER B 555 3.47 -1.27 -37.96
C SER B 555 3.90 -0.01 -38.70
N CYS B 556 2.95 0.82 -39.14
CA CYS B 556 3.25 2.07 -39.82
C CYS B 556 3.18 3.29 -38.95
N ASN B 557 2.86 3.16 -37.68
CA ASN B 557 2.76 4.29 -36.77
C ASN B 557 4.08 5.04 -36.70
N VAL B 558 4.07 6.36 -36.96
CA VAL B 558 5.33 7.10 -37.05
C VAL B 558 6.07 7.19 -35.73
N ASN B 559 5.36 7.15 -34.60
CA ASN B 559 6.01 7.22 -33.28
C ASN B 559 6.72 5.90 -32.97
N ARG B 560 6.07 4.78 -33.34
CA ARG B 560 6.65 3.46 -33.21
C ARG B 560 7.86 3.34 -34.16
N PHE B 561 7.72 3.84 -35.39
CA PHE B 561 8.79 3.81 -36.37
C PHE B 561 9.98 4.62 -35.89
N ASN B 562 9.69 5.82 -35.31
CA ASN B 562 10.66 6.74 -34.73
C ASN B 562 11.49 6.01 -33.65
N VAL B 563 10.81 5.43 -32.63
CA VAL B 563 11.43 4.66 -31.57
C VAL B 563 12.26 3.50 -32.13
N ALA B 564 11.72 2.74 -33.07
CA ALA B 564 12.43 1.59 -33.62
C ALA B 564 13.80 1.94 -34.22
N ILE B 565 13.86 2.93 -35.12
CA ILE B 565 15.09 3.24 -35.81
C ILE B 565 16.07 4.04 -34.97
N THR B 566 15.58 4.77 -33.93
CA THR B 566 16.45 5.54 -33.04
C THR B 566 17.06 4.71 -31.91
N ARG B 567 16.89 3.38 -31.90
CA ARG B 567 17.58 2.54 -30.93
C ARG B 567 19.06 2.32 -31.38
N ALA B 568 19.40 2.53 -32.67
CA ALA B 568 20.71 2.30 -33.26
C ALA B 568 21.73 3.40 -33.01
N LYS B 569 22.90 2.98 -32.61
CA LYS B 569 24.04 3.85 -32.36
C LYS B 569 24.96 3.87 -33.60
N VAL B 570 25.09 2.75 -34.31
CA VAL B 570 26.00 2.65 -35.43
C VAL B 570 25.32 2.30 -36.76
N GLY B 571 24.64 1.16 -36.82
CA GLY B 571 23.98 0.73 -38.04
C GLY B 571 22.60 0.16 -37.82
N ILE B 572 21.81 0.20 -38.87
CA ILE B 572 20.47 -0.34 -38.90
C ILE B 572 20.16 -0.92 -40.28
N LEU B 573 19.45 -2.04 -40.30
CA LEU B 573 18.96 -2.64 -41.52
C LEU B 573 17.42 -2.64 -41.34
N CYS B 574 16.68 -1.97 -42.24
CA CYS B 574 15.22 -1.94 -42.15
C CYS B 574 14.66 -2.72 -43.30
N ILE B 575 13.98 -3.83 -43.04
CA ILE B 575 13.27 -4.60 -44.03
C ILE B 575 11.84 -4.07 -43.93
N MET B 576 11.41 -3.27 -44.94
CA MET B 576 10.17 -2.54 -44.99
C MET B 576 9.07 -3.19 -45.82
N SER B 577 7.85 -3.02 -45.34
CA SER B 577 6.63 -3.46 -46.00
C SER B 577 5.93 -2.26 -46.61
N ASP B 578 6.00 -1.10 -45.94
CA ASP B 578 5.30 0.11 -46.31
C ASP B 578 6.18 0.98 -47.19
N ARG B 579 5.67 1.34 -48.39
CA ARG B 579 6.33 2.20 -49.37
C ARG B 579 6.64 3.58 -48.83
N ASP B 580 5.66 4.20 -48.18
CA ASP B 580 5.74 5.55 -47.59
C ASP B 580 6.95 5.63 -46.62
N LEU B 581 6.97 4.76 -45.58
CA LEU B 581 8.04 4.79 -44.60
C LEU B 581 9.38 4.41 -45.20
N TYR B 582 9.38 3.43 -46.14
CA TYR B 582 10.58 3.02 -46.85
C TYR B 582 11.19 4.23 -47.59
N ASP B 583 10.35 4.97 -48.33
CA ASP B 583 10.78 6.15 -49.08
C ASP B 583 11.26 7.27 -48.19
N LYS B 584 10.70 7.37 -46.97
CA LYS B 584 11.14 8.36 -45.98
C LYS B 584 12.52 8.03 -45.35
N LEU B 585 12.93 6.75 -45.34
CA LEU B 585 14.23 6.38 -44.78
C LEU B 585 15.38 6.92 -45.66
N GLN B 586 16.23 7.76 -45.10
CA GLN B 586 17.40 8.34 -45.77
C GLN B 586 18.56 7.38 -45.59
N PHE B 587 18.34 6.14 -46.05
CA PHE B 587 19.26 5.02 -45.94
C PHE B 587 19.64 4.55 -47.34
N THR B 588 20.70 3.74 -47.40
CA THR B 588 21.14 3.13 -48.63
C THR B 588 20.21 1.97 -48.89
N SER B 589 19.63 1.94 -50.08
CA SER B 589 18.76 0.87 -50.46
C SER B 589 19.55 -0.35 -50.92
N LEU B 590 19.10 -1.53 -50.51
CA LEU B 590 19.70 -2.78 -50.91
C LEU B 590 18.74 -3.48 -51.88
N GLU B 591 19.28 -4.39 -52.72
CA GLU B 591 18.44 -5.15 -53.63
C GLU B 591 18.07 -6.50 -52.96
N ILE B 592 16.89 -7.05 -53.29
CA ILE B 592 16.44 -8.32 -52.72
C ILE B 592 17.18 -9.50 -53.35
N PRO B 593 17.93 -10.27 -52.56
CA PRO B 593 18.63 -11.44 -53.12
C PRO B 593 17.69 -12.64 -53.35
#